data_4J0J
#
_entry.id   4J0J
#
_cell.length_a   46.251
_cell.length_b   62.726
_cell.length_c   83.466
_cell.angle_alpha   70.47
_cell.angle_beta   86.55
_cell.angle_gamma   79.13
#
_symmetry.space_group_name_H-M   'P 1'
#
loop_
_entity.id
_entity.type
_entity.pdbx_description
1 polymer Tannase
2 non-polymer 'ethyl 3,5-dihydroxybenzoate'
3 water water
#
_entity_poly.entity_id   1
_entity_poly.type   'polypeptide(L)'
_entity_poly.pdbx_seq_one_letter_code
;MHHHHHHSSGVDLGTENLYFQSMSNRLIFDADWLVPEQVQVAGQAIQYYAARNIQYVQHPVAAIQVLNVFVPAAYLHGSS
VNGYQRATAPILMPNTVGGYLPGPADDPQRVTWPTNAGTIQQALKRGYVVVAAGIRGRTTVDKSGQRVGQAPAFIVDMKA
AIRYVKYNQGRLPGDANRIITNGTSAGGATSALAGASGNSAYFEPALTALGAAPATDDIFAVSAYCPIHNLEHADMAYEW
QFNGINDWHRYQPVAGTTKNGRPKFEPVSGQLTVEEQALSLALKAQFSTYLNQLKLTASDGTHLTLNEAGMGSFRDVVRQ
LLISSAQTAFDQGTDIHKYAGFVVTGNQVTDLDLSAYLKSLTRMKAVPAFDQLDLTSPENNLFGDATAKAKHFTALAQTR
STVTAQLADAELIQAINPLSYLTTTSSQVAKHWRIRHGAADRDTSFAIPIILAIMLENHGYGIDFALPWDIPHSGDYDLG
DLFSWIDGLCQ
;
_entity_poly.pdbx_strand_id   A,B
#
# COMPACT_ATOMS: atom_id res chain seq x y z
N SER A 22 -48.94 15.16 7.96
CA SER A 22 -49.82 14.00 8.16
C SER A 22 -50.23 13.42 6.81
N MET A 23 -51.10 12.42 6.83
CA MET A 23 -51.54 11.82 5.58
C MET A 23 -52.56 12.69 4.86
N SER A 24 -52.99 13.77 5.52
CA SER A 24 -53.81 14.79 4.88
C SER A 24 -53.04 15.56 3.82
N ASN A 25 -51.72 15.62 3.97
CA ASN A 25 -50.86 16.25 2.97
C ASN A 25 -50.71 15.29 1.78
N ARG A 26 -51.44 15.58 0.71
CA ARG A 26 -51.47 14.69 -0.46
C ARG A 26 -50.22 14.86 -1.32
N LEU A 27 -49.37 15.81 -0.93
CA LEU A 27 -48.12 16.09 -1.67
C LEU A 27 -48.40 16.45 -3.13
N ILE A 28 -49.54 17.11 -3.36
CA ILE A 28 -49.94 17.54 -4.69
C ILE A 28 -49.64 19.02 -4.89
N PHE A 29 -48.73 19.32 -5.81
CA PHE A 29 -48.38 20.70 -6.11
C PHE A 29 -49.49 21.36 -6.92
N ASP A 30 -49.79 22.62 -6.58
CA ASP A 30 -50.78 23.40 -7.29
C ASP A 30 -50.11 24.66 -7.82
N ALA A 31 -50.10 24.83 -9.15
CA ALA A 31 -49.48 26.01 -9.77
C ALA A 31 -50.13 27.31 -9.29
N ASP A 32 -51.35 27.19 -8.77
CA ASP A 32 -52.11 28.31 -8.26
C ASP A 32 -51.42 28.98 -7.07
N TRP A 33 -50.53 28.22 -6.44
CA TRP A 33 -49.75 28.69 -5.31
C TRP A 33 -48.68 29.71 -5.74
N LEU A 34 -48.31 29.69 -7.01
CA LEU A 34 -47.25 30.56 -7.51
C LEU A 34 -47.67 32.03 -7.60
N VAL A 35 -46.97 32.88 -6.84
CA VAL A 35 -47.27 34.31 -6.79
C VAL A 35 -46.10 35.10 -7.39
N PRO A 36 -46.40 36.22 -8.07
CA PRO A 36 -45.38 36.98 -8.82
C PRO A 36 -44.43 37.80 -7.95
N GLU A 37 -43.16 37.74 -8.31
CA GLU A 37 -42.11 38.48 -7.62
C GLU A 37 -41.08 38.94 -8.64
N GLN A 38 -40.15 39.79 -8.22
CA GLN A 38 -39.03 40.14 -9.08
C GLN A 38 -37.77 40.39 -8.27
N VAL A 39 -36.63 40.34 -8.97
CA VAL A 39 -35.34 40.59 -8.36
C VAL A 39 -34.43 41.21 -9.42
N GLN A 40 -33.49 42.03 -8.99
CA GLN A 40 -32.55 42.68 -9.90
C GLN A 40 -31.29 41.86 -10.09
N VAL A 41 -31.00 41.53 -11.35
CA VAL A 41 -29.74 40.88 -11.66
C VAL A 41 -29.11 41.41 -12.95
N ALA A 42 -27.83 41.81 -12.86
CA ALA A 42 -27.08 42.35 -13.99
C ALA A 42 -27.72 43.56 -14.69
N GLY A 43 -28.20 44.53 -13.92
CA GLY A 43 -28.80 45.73 -14.48
C GLY A 43 -30.16 45.46 -15.10
N GLN A 44 -30.76 44.33 -14.74
CA GLN A 44 -32.07 43.97 -15.26
C GLN A 44 -32.99 43.44 -14.16
N ALA A 45 -34.27 43.77 -14.26
CA ALA A 45 -35.27 43.22 -13.35
C ALA A 45 -35.72 41.87 -13.90
N ILE A 46 -35.56 40.82 -13.10
CA ILE A 46 -35.91 39.47 -13.52
C ILE A 46 -37.21 39.06 -12.82
N GLN A 47 -38.26 38.79 -13.59
CA GLN A 47 -39.56 38.44 -13.01
C GLN A 47 -39.73 36.93 -12.91
N TYR A 48 -40.24 36.48 -11.77
CA TYR A 48 -40.42 35.07 -11.52
C TYR A 48 -41.69 34.86 -10.67
N TYR A 49 -42.01 33.61 -10.39
CA TYR A 49 -43.09 33.29 -9.47
C TYR A 49 -42.54 32.39 -8.37
N ALA A 50 -43.18 32.41 -7.22
CA ALA A 50 -42.66 31.70 -6.05
C ALA A 50 -43.76 30.97 -5.30
N ALA A 51 -43.43 29.80 -4.78
CA ALA A 51 -44.32 29.08 -3.88
C ALA A 51 -43.41 28.55 -2.78
N ARG A 52 -43.58 29.05 -1.58
CA ARG A 52 -42.63 28.76 -0.52
C ARG A 52 -43.18 27.80 0.53
N ASN A 53 -42.26 27.19 1.29
CA ASN A 53 -42.62 26.41 2.48
C ASN A 53 -43.53 25.23 2.20
N ILE A 54 -43.26 24.52 1.11
CA ILE A 54 -44.01 23.32 0.76
C ILE A 54 -43.51 22.10 1.54
N GLN A 55 -44.39 21.52 2.35
CA GLN A 55 -44.08 20.31 3.11
C GLN A 55 -43.96 19.12 2.16
N TYR A 56 -42.74 18.70 1.86
CA TYR A 56 -42.52 17.73 0.79
C TYR A 56 -42.58 16.25 1.20
N VAL A 57 -42.80 15.99 2.49
CA VAL A 57 -43.15 14.64 2.94
C VAL A 57 -44.37 14.65 3.85
N GLN A 58 -45.04 13.50 3.97
CA GLN A 58 -46.22 13.41 4.83
C GLN A 58 -45.91 13.38 6.31
N HIS A 59 -44.71 12.92 6.66
CA HIS A 59 -44.36 12.80 8.07
C HIS A 59 -42.99 13.39 8.37
N PRO A 60 -42.89 14.73 8.31
CA PRO A 60 -41.60 15.38 8.61
C PRO A 60 -41.25 15.23 10.09
N VAL A 61 -39.96 15.22 10.41
CA VAL A 61 -39.54 15.19 11.81
C VAL A 61 -38.91 16.52 12.21
N ALA A 62 -38.76 17.41 11.24
CA ALA A 62 -38.07 18.68 11.45
C ALA A 62 -38.66 19.79 10.60
N ALA A 63 -38.72 21.00 11.17
CA ALA A 63 -39.30 22.15 10.47
C ALA A 63 -38.55 22.55 9.21
N ILE A 64 -37.28 22.17 9.10
CA ILE A 64 -36.47 22.52 7.94
C ILE A 64 -36.87 21.71 6.70
N GLN A 65 -37.69 20.68 6.89
CA GLN A 65 -38.10 19.81 5.79
C GLN A 65 -39.20 20.43 4.93
N VAL A 66 -38.90 21.57 4.33
CA VAL A 66 -39.79 22.20 3.36
C VAL A 66 -39.00 22.61 2.14
N LEU A 67 -39.69 22.84 1.03
CA LEU A 67 -38.99 23.22 -0.18
C LEU A 67 -39.65 24.46 -0.80
N ASN A 68 -38.86 25.25 -1.50
CA ASN A 68 -39.36 26.44 -2.17
C ASN A 68 -39.30 26.21 -3.67
N VAL A 69 -40.31 26.69 -4.39
CA VAL A 69 -40.31 26.55 -5.85
C VAL A 69 -40.31 27.94 -6.50
N PHE A 70 -39.39 28.15 -7.44
CA PHE A 70 -39.33 29.43 -8.15
C PHE A 70 -39.36 29.21 -9.66
N VAL A 71 -40.19 29.98 -10.35
CA VAL A 71 -40.48 29.72 -11.76
C VAL A 71 -40.37 30.99 -12.59
N PRO A 72 -39.60 30.94 -13.69
CA PRO A 72 -39.54 32.10 -14.58
C PRO A 72 -40.94 32.52 -15.02
N ALA A 73 -41.24 33.81 -14.93
CA ALA A 73 -42.59 34.32 -15.15
C ALA A 73 -43.18 33.92 -16.51
N ALA A 74 -42.33 33.79 -17.51
CA ALA A 74 -42.78 33.47 -18.87
C ALA A 74 -43.55 32.15 -18.91
N TYR A 75 -43.23 31.25 -17.99
CA TYR A 75 -43.79 29.90 -17.99
C TYR A 75 -45.21 29.89 -17.46
N LEU A 76 -45.61 30.98 -16.82
CA LEU A 76 -46.99 31.11 -16.36
CA LEU A 76 -46.99 31.12 -16.35
C LEU A 76 -47.79 32.01 -17.31
N HIS A 77 -47.23 32.23 -18.49
CA HIS A 77 -47.87 33.04 -19.51
C HIS A 77 -47.75 32.35 -20.86
N GLY A 78 -47.39 31.06 -20.82
CA GLY A 78 -47.29 30.24 -22.01
C GLY A 78 -46.11 30.57 -22.92
N SER A 79 -45.06 31.16 -22.35
CA SER A 79 -43.94 31.63 -23.18
C SER A 79 -42.58 30.99 -22.85
N SER A 80 -41.53 31.45 -23.53
CA SER A 80 -40.23 30.80 -23.47
C SER A 80 -39.11 31.67 -22.88
N VAL A 81 -38.12 30.99 -22.30
CA VAL A 81 -36.87 31.62 -21.87
C VAL A 81 -35.69 30.75 -22.29
N ASN A 82 -34.75 31.31 -23.05
CA ASN A 82 -33.52 30.62 -23.41
C ASN A 82 -33.79 29.25 -24.07
N GLY A 83 -34.79 29.22 -24.95
CA GLY A 83 -35.14 28.01 -25.68
C GLY A 83 -35.91 26.99 -24.86
N TYR A 84 -36.35 27.39 -23.67
CA TYR A 84 -37.09 26.49 -22.79
C TYR A 84 -38.55 26.91 -22.65
N GLN A 85 -39.41 25.96 -22.32
CA GLN A 85 -40.83 26.21 -22.05
C GLN A 85 -41.17 25.73 -20.65
N ARG A 86 -42.42 25.90 -20.25
CA ARG A 86 -42.87 25.43 -18.93
C ARG A 86 -42.66 23.93 -18.76
N ALA A 87 -43.01 23.18 -19.81
CA ALA A 87 -42.93 21.72 -19.76
C ALA A 87 -41.51 21.19 -19.91
N THR A 88 -40.62 21.98 -20.50
CA THR A 88 -39.30 21.48 -20.90
C THR A 88 -38.12 22.07 -20.14
N ALA A 89 -38.36 23.06 -19.29
CA ALA A 89 -37.27 23.72 -18.58
C ALA A 89 -36.53 22.76 -17.64
N PRO A 90 -35.20 22.90 -17.56
CA PRO A 90 -34.42 22.15 -16.58
C PRO A 90 -34.86 22.55 -15.19
N ILE A 91 -34.76 21.61 -14.24
CA ILE A 91 -35.09 21.89 -12.85
C ILE A 91 -33.81 21.83 -12.05
N LEU A 92 -33.27 22.99 -11.70
CA LEU A 92 -32.06 23.03 -10.91
C LEU A 92 -32.45 22.82 -9.45
N MET A 93 -31.83 21.86 -8.79
CA MET A 93 -32.13 21.61 -7.39
C MET A 93 -30.90 21.84 -6.52
N PRO A 94 -30.62 23.12 -6.22
CA PRO A 94 -29.45 23.45 -5.40
C PRO A 94 -29.74 23.15 -3.95
N ASN A 95 -28.69 23.00 -3.15
CA ASN A 95 -28.86 22.90 -1.71
C ASN A 95 -27.88 23.82 -1.00
N THR A 96 -28.17 24.13 0.25
CA THR A 96 -27.32 25.04 1.03
C THR A 96 -26.58 24.29 2.12
N VAL A 97 -26.39 22.99 1.91
CA VAL A 97 -25.63 22.19 2.86
C VAL A 97 -24.13 22.54 2.84
N GLY A 98 -23.61 22.88 4.01
CA GLY A 98 -22.18 23.07 4.22
C GLY A 98 -21.77 22.49 5.55
N GLY A 99 -20.65 21.77 5.57
CA GLY A 99 -20.15 21.15 6.78
C GLY A 99 -21.08 20.09 7.35
N TYR A 100 -21.92 19.53 6.49
CA TYR A 100 -22.90 18.52 6.90
C TYR A 100 -23.85 19.06 7.97
N LEU A 101 -24.00 20.39 7.96
CA LEU A 101 -24.97 21.11 8.77
C LEU A 101 -26.31 21.14 8.03
N PRO A 102 -27.40 21.50 8.74
CA PRO A 102 -28.69 21.66 8.07
C PRO A 102 -28.60 22.70 6.95
N GLY A 103 -29.31 22.46 5.86
CA GLY A 103 -29.32 23.40 4.74
C GLY A 103 -30.72 23.92 4.50
N PRO A 104 -31.01 25.14 4.99
CA PRO A 104 -32.34 25.75 4.82
C PRO A 104 -32.74 25.92 3.35
N ALA A 105 -34.03 25.75 3.06
CA ALA A 105 -34.57 26.00 1.74
C ALA A 105 -34.17 27.40 1.26
N ASP A 106 -33.58 27.48 0.07
CA ASP A 106 -33.02 28.73 -0.39
C ASP A 106 -34.09 29.58 -1.10
N ASP A 107 -33.68 30.77 -1.52
CA ASP A 107 -34.62 31.80 -1.94
C ASP A 107 -33.81 32.90 -2.62
N PRO A 108 -34.25 33.34 -3.82
CA PRO A 108 -33.55 34.45 -4.48
C PRO A 108 -33.56 35.72 -3.64
N GLN A 109 -34.46 35.79 -2.65
CA GLN A 109 -34.57 36.99 -1.82
C GLN A 109 -33.80 36.82 -0.50
N ARG A 110 -33.20 35.64 -0.31
CA ARG A 110 -32.54 35.33 0.94
C ARG A 110 -31.20 36.07 1.08
N VAL A 111 -30.97 36.65 2.27
CA VAL A 111 -29.73 37.38 2.52
C VAL A 111 -28.94 36.82 3.71
N THR A 112 -29.53 35.86 4.40
CA THR A 112 -28.90 35.27 5.59
C THR A 112 -28.14 33.97 5.29
N TRP A 113 -26.99 33.80 5.95
CA TRP A 113 -26.17 32.61 5.79
C TRP A 113 -26.89 31.36 6.29
N PRO A 114 -26.78 30.25 5.54
CA PRO A 114 -26.12 30.16 4.24
C PRO A 114 -27.12 30.31 3.10
N THR A 115 -26.66 30.84 1.96
CA THR A 115 -27.53 31.02 0.79
C THR A 115 -26.75 31.15 -0.52
N ASN A 116 -27.33 30.63 -1.59
CA ASN A 116 -26.85 30.89 -2.94
C ASN A 116 -27.91 31.63 -3.75
N ALA A 117 -28.50 32.64 -3.11
CA ALA A 117 -29.57 33.43 -3.70
C ALA A 117 -29.18 33.95 -5.08
N GLY A 118 -27.94 34.40 -5.22
CA GLY A 118 -27.44 34.92 -6.48
C GLY A 118 -27.56 33.89 -7.58
N THR A 119 -27.24 32.64 -7.25
CA THR A 119 -27.29 31.55 -8.21
C THR A 119 -28.71 31.31 -8.69
N ILE A 120 -29.66 31.31 -7.75
CA ILE A 120 -31.07 31.19 -8.09
C ILE A 120 -31.52 32.32 -9.01
N GLN A 121 -31.11 33.55 -8.69
CA GLN A 121 -31.45 34.69 -9.53
C GLN A 121 -31.01 34.46 -10.97
N GLN A 122 -29.75 34.05 -11.14
CA GLN A 122 -29.18 33.80 -12.45
C GLN A 122 -29.83 32.63 -13.16
N ALA A 123 -30.14 31.59 -12.40
CA ALA A 123 -30.77 30.39 -12.94
C ALA A 123 -32.15 30.70 -13.51
N LEU A 124 -32.92 31.50 -12.77
CA LEU A 124 -34.22 31.94 -13.25
C LEU A 124 -34.09 32.79 -14.50
N LYS A 125 -33.07 33.63 -14.53
CA LYS A 125 -32.79 34.44 -15.72
C LYS A 125 -32.46 33.55 -16.90
N ARG A 126 -31.76 32.44 -16.63
CA ARG A 126 -31.38 31.47 -17.64
C ARG A 126 -32.57 30.64 -18.10
N GLY A 127 -33.65 30.70 -17.33
CA GLY A 127 -34.87 29.98 -17.68
C GLY A 127 -35.03 28.63 -17.00
N TYR A 128 -34.28 28.41 -15.92
CA TYR A 128 -34.40 27.17 -15.17
C TYR A 128 -35.47 27.31 -14.11
N VAL A 129 -36.29 26.27 -13.93
CA VAL A 129 -37.08 26.16 -12.72
C VAL A 129 -36.10 25.85 -11.59
N VAL A 130 -36.32 26.45 -10.42
CA VAL A 130 -35.48 26.14 -9.27
C VAL A 130 -36.32 25.58 -8.13
N VAL A 131 -35.96 24.38 -7.67
CA VAL A 131 -36.60 23.79 -6.51
C VAL A 131 -35.56 23.69 -5.41
N ALA A 132 -35.67 24.60 -4.44
CA ALA A 132 -34.70 24.70 -3.35
C ALA A 132 -35.23 24.01 -2.11
N ALA A 133 -34.70 22.82 -1.82
CA ALA A 133 -35.22 22.01 -0.74
C ALA A 133 -34.46 22.23 0.56
N GLY A 134 -35.19 22.29 1.67
CA GLY A 134 -34.59 22.34 2.99
C GLY A 134 -34.12 20.96 3.40
N ILE A 135 -32.89 20.87 3.88
CA ILE A 135 -32.24 19.59 4.18
C ILE A 135 -31.75 19.50 5.62
N ARG A 136 -32.14 18.45 6.33
CA ARG A 136 -31.67 18.24 7.70
C ARG A 136 -30.14 18.10 7.74
N GLY A 137 -29.54 18.48 8.87
CA GLY A 137 -28.12 18.29 9.07
C GLY A 137 -27.78 17.78 10.45
N ARG A 138 -26.50 17.65 10.73
CA ARG A 138 -26.04 16.94 11.94
C ARG A 138 -26.51 17.56 13.26
N THR A 139 -26.87 18.83 13.23
CA THR A 139 -27.30 19.53 14.45
C THR A 139 -28.81 19.60 14.61
N THR A 140 -29.55 19.04 13.66
CA THR A 140 -31.01 19.14 13.68
C THR A 140 -31.61 18.26 14.77
N VAL A 141 -32.49 18.84 15.59
CA VAL A 141 -33.21 18.09 16.62
C VAL A 141 -34.71 18.14 16.37
N ASP A 142 -35.42 17.14 16.86
CA ASP A 142 -36.88 17.14 16.72
C ASP A 142 -37.54 17.85 17.88
N LYS A 143 -38.86 17.69 18.00
CA LYS A 143 -39.64 18.33 19.05
C LYS A 143 -39.12 17.96 20.44
N SER A 144 -38.72 16.71 20.62
CA SER A 144 -38.28 16.21 21.92
C SER A 144 -36.82 16.57 22.21
N GLY A 145 -36.11 17.05 21.20
CA GLY A 145 -34.72 17.43 21.36
C GLY A 145 -33.77 16.30 21.04
N GLN A 146 -34.27 15.28 20.34
CA GLN A 146 -33.43 14.18 19.88
C GLN A 146 -32.88 14.50 18.50
N ARG A 147 -31.62 14.13 18.25
CA ARG A 147 -31.01 14.39 16.94
C ARG A 147 -31.69 13.54 15.87
N VAL A 148 -32.12 14.20 14.79
CA VAL A 148 -32.78 13.50 13.68
C VAL A 148 -32.21 13.93 12.33
N GLY A 149 -31.01 14.49 12.34
CA GLY A 149 -30.44 15.01 11.11
C GLY A 149 -29.09 14.40 10.74
N GLN A 150 -28.63 13.43 11.51
CA GLN A 150 -27.36 12.79 11.20
C GLN A 150 -27.55 11.76 10.08
N ALA A 151 -26.44 11.24 9.56
CA ALA A 151 -26.49 10.41 8.35
C ALA A 151 -27.45 9.23 8.51
N PRO A 152 -28.22 8.92 7.46
CA PRO A 152 -28.16 9.56 6.14
C PRO A 152 -29.32 10.53 5.91
N ALA A 153 -29.69 11.30 6.93
CA ALA A 153 -30.80 12.24 6.81
C ALA A 153 -30.65 13.19 5.62
N PHE A 154 -29.43 13.67 5.37
CA PHE A 154 -29.21 14.68 4.35
C PHE A 154 -29.62 14.20 2.95
N ILE A 155 -29.20 12.99 2.60
CA ILE A 155 -29.50 12.47 1.27
C ILE A 155 -30.93 11.94 1.20
N VAL A 156 -31.45 11.46 2.32
CA VAL A 156 -32.85 11.02 2.36
C VAL A 156 -33.75 12.18 2.02
N ASP A 157 -33.51 13.33 2.66
CA ASP A 157 -34.27 14.54 2.38
C ASP A 157 -34.11 15.02 0.95
N MET A 158 -32.88 14.98 0.43
CA MET A 158 -32.62 15.38 -0.95
C MET A 158 -33.43 14.48 -1.89
N LYS A 159 -33.43 13.18 -1.62
CA LYS A 159 -34.19 12.22 -2.42
C LYS A 159 -35.70 12.46 -2.29
N ALA A 160 -36.16 12.77 -1.09
CA ALA A 160 -37.59 12.99 -0.88
C ALA A 160 -38.08 14.20 -1.67
N ALA A 161 -37.22 15.21 -1.80
CA ALA A 161 -37.56 16.42 -2.54
C ALA A 161 -37.57 16.14 -4.03
N ILE A 162 -36.63 15.31 -4.48
CA ILE A 162 -36.60 14.86 -5.86
C ILE A 162 -37.89 14.08 -6.16
N ARG A 163 -38.24 13.17 -5.25
CA ARG A 163 -39.47 12.39 -5.40
C ARG A 163 -40.71 13.25 -5.48
N TYR A 164 -40.76 14.34 -4.70
CA TYR A 164 -41.89 15.27 -4.75
C TYR A 164 -42.01 15.90 -6.13
N VAL A 165 -40.88 16.33 -6.67
CA VAL A 165 -40.83 16.98 -7.97
C VAL A 165 -41.29 16.02 -9.07
N LYS A 166 -40.77 14.79 -9.04
CA LYS A 166 -41.07 13.83 -10.09
C LYS A 166 -42.50 13.31 -9.96
N TYR A 167 -43.00 13.16 -8.74
CA TYR A 167 -44.41 12.84 -8.52
C TYR A 167 -45.27 13.93 -9.13
N ASN A 168 -44.83 15.18 -8.99
CA ASN A 168 -45.62 16.32 -9.45
C ASN A 168 -45.25 16.80 -10.86
N GLN A 169 -44.66 15.90 -11.65
CA GLN A 169 -44.37 16.20 -13.05
C GLN A 169 -45.64 16.67 -13.78
N GLY A 170 -45.52 17.76 -14.53
CA GLY A 170 -46.65 18.29 -15.26
C GLY A 170 -47.59 19.17 -14.44
N ARG A 171 -47.54 19.02 -13.12
CA ARG A 171 -48.21 19.97 -12.24
C ARG A 171 -47.21 21.06 -11.87
N LEU A 172 -45.97 20.63 -11.67
CA LEU A 172 -44.87 21.51 -11.39
C LEU A 172 -44.23 21.93 -12.71
N PRO A 173 -43.99 23.23 -12.90
CA PRO A 173 -43.27 23.75 -14.07
C PRO A 173 -41.88 23.11 -14.17
N GLY A 174 -41.39 22.91 -15.39
CA GLY A 174 -40.08 22.30 -15.58
C GLY A 174 -40.18 20.82 -15.90
N ASP A 175 -39.13 20.28 -16.51
CA ASP A 175 -39.09 18.87 -16.88
C ASP A 175 -38.47 18.06 -15.74
N ALA A 176 -39.27 17.21 -15.11
CA ALA A 176 -38.79 16.37 -14.00
C ALA A 176 -37.78 15.32 -14.46
N ASN A 177 -37.68 15.11 -15.77
CA ASN A 177 -36.65 14.24 -16.33
C ASN A 177 -35.36 15.02 -16.60
N ARG A 178 -35.37 16.30 -16.25
CA ARG A 178 -34.22 17.16 -16.44
C ARG A 178 -33.83 17.82 -15.13
N ILE A 179 -33.78 17.02 -14.08
CA ILE A 179 -33.37 17.49 -12.76
C ILE A 179 -31.85 17.52 -12.67
N ILE A 180 -31.31 18.68 -12.29
CA ILE A 180 -29.88 18.87 -12.15
C ILE A 180 -29.63 19.37 -10.74
N THR A 181 -28.93 18.57 -9.94
CA THR A 181 -28.66 18.96 -8.56
C THR A 181 -27.41 19.80 -8.54
N ASN A 182 -27.26 20.64 -7.53
CA ASN A 182 -26.06 21.44 -7.38
C ASN A 182 -25.76 21.69 -5.92
N GLY A 183 -24.49 21.75 -5.57
CA GLY A 183 -24.09 21.99 -4.19
C GLY A 183 -22.61 22.23 -4.06
N THR A 184 -22.22 22.83 -2.93
CA THR A 184 -20.82 23.11 -2.65
C THR A 184 -20.35 22.36 -1.40
N SER A 185 -19.19 21.71 -1.51
CA SER A 185 -18.57 20.97 -0.41
C SER A 185 -19.45 19.81 0.08
N ALA A 186 -19.89 19.87 1.34
CA ALA A 186 -20.81 18.86 1.84
C ALA A 186 -22.05 18.79 0.93
N GLY A 187 -22.47 19.96 0.45
CA GLY A 187 -23.56 20.06 -0.50
C GLY A 187 -23.20 19.48 -1.87
N GLY A 188 -21.91 19.54 -2.21
CA GLY A 188 -21.43 18.93 -3.44
C GLY A 188 -21.45 17.41 -3.37
N ALA A 189 -21.06 16.87 -2.21
CA ALA A 189 -21.21 15.45 -1.94
C ALA A 189 -22.68 15.05 -1.99
N THR A 190 -23.55 15.94 -1.50
CA THR A 190 -24.98 15.67 -1.49
C THR A 190 -25.50 15.55 -2.92
N SER A 191 -25.07 16.49 -3.76
CA SER A 191 -25.46 16.52 -5.17
C SER A 191 -24.91 15.30 -5.92
N ALA A 192 -23.64 15.01 -5.72
CA ALA A 192 -23.00 13.85 -6.36
C ALA A 192 -23.64 12.54 -5.91
N LEU A 193 -24.03 12.49 -4.63
CA LEU A 193 -24.64 11.28 -4.10
C LEU A 193 -26.04 11.06 -4.66
N ALA A 194 -26.77 12.16 -4.92
CA ALA A 194 -28.09 12.06 -5.51
C ALA A 194 -27.99 11.53 -6.94
N GLY A 195 -26.97 11.97 -7.66
CA GLY A 195 -26.75 11.49 -9.02
C GLY A 195 -26.28 10.05 -9.07
N ALA A 196 -25.54 9.62 -8.06
CA ALA A 196 -24.96 8.29 -8.05
C ALA A 196 -25.93 7.20 -7.58
N SER A 197 -26.80 7.53 -6.63
CA SER A 197 -27.55 6.53 -5.90
C SER A 197 -29.03 6.45 -6.28
N GLY A 198 -29.37 6.87 -7.49
CA GLY A 198 -30.75 6.91 -7.94
C GLY A 198 -31.53 5.62 -7.72
N ASN A 199 -32.66 5.72 -7.02
CA ASN A 199 -33.53 4.59 -6.74
C ASN A 199 -32.85 3.45 -5.99
N SER A 200 -31.92 3.79 -5.11
CA SER A 200 -31.25 2.80 -4.27
C SER A 200 -32.22 2.24 -3.25
N ALA A 201 -32.26 0.92 -3.12
CA ALA A 201 -33.16 0.25 -2.19
C ALA A 201 -32.80 0.54 -0.73
N TYR A 202 -31.54 0.92 -0.50
CA TYR A 202 -31.07 1.23 0.85
C TYR A 202 -31.90 2.30 1.54
N PHE A 203 -32.30 3.31 0.80
CA PHE A 203 -32.97 4.46 1.39
C PHE A 203 -34.50 4.32 1.43
N GLU A 204 -35.01 3.22 0.88
CA GLU A 204 -36.46 3.04 0.81
C GLU A 204 -37.17 3.01 2.18
N PRO A 205 -36.61 2.28 3.18
CA PRO A 205 -37.28 2.30 4.49
C PRO A 205 -37.35 3.69 5.12
N ALA A 206 -36.34 4.52 4.89
CA ALA A 206 -36.32 5.87 5.46
C ALA A 206 -37.34 6.76 4.75
N LEU A 207 -37.38 6.67 3.41
CA LEU A 207 -38.32 7.45 2.61
C LEU A 207 -39.76 7.06 2.92
N THR A 208 -39.98 5.76 3.13
CA THR A 208 -41.31 5.24 3.47
C THR A 208 -41.75 5.76 4.83
N ALA A 209 -40.84 5.75 5.79
CA ALA A 209 -41.17 6.19 7.14
C ALA A 209 -41.42 7.70 7.17
N LEU A 210 -40.85 8.43 6.22
CA LEU A 210 -41.11 9.87 6.11
C LEU A 210 -42.42 10.15 5.39
N GLY A 211 -42.90 9.18 4.63
CA GLY A 211 -44.07 9.38 3.79
C GLY A 211 -43.74 10.22 2.56
N ALA A 212 -42.57 9.97 1.99
CA ALA A 212 -42.14 10.64 0.76
C ALA A 212 -43.08 10.28 -0.38
N ALA A 213 -43.03 11.05 -1.46
CA ALA A 213 -43.91 10.81 -2.59
C ALA A 213 -43.58 9.48 -3.29
N PRO A 214 -44.61 8.79 -3.81
CA PRO A 214 -44.40 7.53 -4.53
C PRO A 214 -43.88 7.75 -5.94
N ALA A 215 -42.59 8.07 -6.05
CA ALA A 215 -41.97 8.32 -7.34
C ALA A 215 -40.48 8.01 -7.26
N THR A 216 -39.80 8.06 -8.40
CA THR A 216 -38.38 7.76 -8.47
C THR A 216 -37.54 8.94 -8.01
N ASP A 217 -36.26 8.70 -7.74
CA ASP A 217 -35.37 9.80 -7.37
C ASP A 217 -34.08 9.81 -8.20
N ASP A 218 -34.08 9.09 -9.32
CA ASP A 218 -32.98 9.19 -10.27
C ASP A 218 -33.05 10.54 -10.97
N ILE A 219 -31.90 11.20 -11.09
CA ILE A 219 -31.86 12.53 -11.69
C ILE A 219 -31.08 12.53 -12.99
N PHE A 220 -31.08 13.67 -13.67
CA PHE A 220 -30.55 13.79 -15.02
C PHE A 220 -29.06 14.14 -15.06
N ALA A 221 -28.64 15.08 -14.20
CA ALA A 221 -27.28 15.58 -14.23
C ALA A 221 -26.83 16.08 -12.86
N VAL A 222 -25.52 16.17 -12.67
CA VAL A 222 -24.94 16.57 -11.40
C VAL A 222 -23.94 17.69 -11.57
N SER A 223 -24.15 18.78 -10.83
CA SER A 223 -23.14 19.81 -10.71
C SER A 223 -22.61 19.71 -9.29
N ALA A 224 -21.30 19.59 -9.13
CA ALA A 224 -20.73 19.46 -7.78
C ALA A 224 -19.48 20.33 -7.63
N TYR A 225 -19.51 21.25 -6.68
CA TYR A 225 -18.32 22.03 -6.34
C TYR A 225 -17.68 21.42 -5.11
N CYS A 226 -16.37 21.21 -5.21
CA CYS A 226 -15.55 20.56 -4.18
C CYS A 226 -16.30 19.55 -3.29
N PRO A 227 -16.89 18.51 -3.91
CA PRO A 227 -17.68 17.54 -3.14
C PRO A 227 -16.82 16.89 -2.04
N ILE A 228 -17.18 17.15 -0.80
CA ILE A 228 -16.49 16.53 0.34
C ILE A 228 -17.08 15.15 0.60
N HIS A 229 -16.60 14.17 -0.17
CA HIS A 229 -17.15 12.82 -0.15
C HIS A 229 -16.01 11.82 -0.02
N ASN A 230 -16.34 10.52 -0.10
CA ASN A 230 -15.37 9.45 0.07
C ASN A 230 -14.66 9.63 1.42
N LEU A 231 -15.47 9.88 2.43
CA LEU A 231 -15.01 10.25 3.76
C LEU A 231 -14.12 9.19 4.41
N GLU A 232 -14.42 7.91 4.17
CA GLU A 232 -13.63 6.83 4.80
C GLU A 232 -12.25 6.65 4.17
N HIS A 233 -11.97 7.36 3.09
CA HIS A 233 -10.65 7.28 2.45
C HIS A 233 -9.98 8.65 2.37
N ALA A 234 -10.66 9.68 2.86
CA ALA A 234 -10.19 11.05 2.74
C ALA A 234 -8.97 11.35 3.62
N ASP A 235 -8.86 10.67 4.76
CA ASP A 235 -7.69 10.86 5.62
C ASP A 235 -6.42 10.38 4.94
N MET A 236 -6.54 9.24 4.24
CA MET A 236 -5.42 8.66 3.54
C MET A 236 -5.00 9.51 2.36
N ALA A 237 -5.99 10.04 1.62
CA ALA A 237 -5.70 10.90 0.49
C ALA A 237 -5.09 12.21 0.96
N TYR A 238 -5.57 12.72 2.09
CA TYR A 238 -5.12 14.01 2.59
C TYR A 238 -3.65 13.94 2.98
N GLU A 239 -3.27 12.88 3.68
CA GLU A 239 -1.89 12.73 4.10
C GLU A 239 -0.96 12.39 2.94
N TRP A 240 -1.47 11.65 1.96
CA TRP A 240 -0.69 11.40 0.76
C TRP A 240 -0.27 12.72 0.12
N GLN A 241 -1.14 13.72 0.23
CA GLN A 241 -0.90 15.02 -0.38
C GLN A 241 -0.07 15.94 0.52
N PHE A 242 -0.36 15.95 1.82
CA PHE A 242 0.25 16.94 2.71
C PHE A 242 1.34 16.42 3.67
N ASN A 243 1.64 15.13 3.63
CA ASN A 243 2.77 14.64 4.39
C ASN A 243 4.08 15.32 3.97
N GLY A 244 4.88 15.70 4.96
CA GLY A 244 6.10 16.45 4.70
C GLY A 244 5.87 17.93 4.99
N ILE A 245 4.61 18.31 5.11
CA ILE A 245 4.24 19.66 5.50
C ILE A 245 3.64 19.62 6.90
N ASN A 246 4.36 20.17 7.88
CA ASN A 246 4.01 19.93 9.28
C ASN A 246 3.29 21.04 10.03
N ASP A 247 3.04 22.16 9.35
CA ASP A 247 2.25 23.22 9.95
C ASP A 247 0.91 23.37 9.21
N TRP A 248 -0.17 23.50 9.98
CA TRP A 248 -1.49 23.62 9.37
C TRP A 248 -2.15 24.98 9.67
N HIS A 249 -2.99 25.44 8.75
CA HIS A 249 -3.55 26.78 8.81
C HIS A 249 -5.00 26.81 8.36
N ARG A 250 -5.91 27.13 9.29
CA ARG A 250 -7.34 27.15 9.01
C ARG A 250 -8.08 28.17 9.88
N TYR A 251 -9.41 28.10 9.85
CA TYR A 251 -10.25 29.09 10.52
C TYR A 251 -11.21 28.48 11.55
N GLN A 252 -11.74 29.34 12.43
CA GLN A 252 -12.47 28.92 13.62
C GLN A 252 -13.36 30.07 14.11
N PRO A 253 -14.53 29.72 14.70
CA PRO A 253 -15.54 30.66 15.23
C PRO A 253 -15.04 31.93 15.96
N VAL A 254 -15.61 33.06 15.56
CA VAL A 254 -15.76 34.23 16.42
C VAL A 254 -17.21 34.65 16.24
N ALA A 255 -17.61 35.78 16.81
CA ALA A 255 -19.00 36.17 16.72
C ALA A 255 -19.16 37.63 16.32
N GLY A 256 -19.74 38.41 17.22
CA GLY A 256 -20.20 39.73 16.85
C GLY A 256 -21.55 39.59 16.21
N THR A 257 -22.50 40.44 16.61
CA THR A 257 -23.86 40.30 16.12
C THR A 257 -23.95 40.80 14.69
N THR A 258 -24.66 40.05 13.85
CA THR A 258 -24.84 40.43 12.45
C THR A 258 -26.27 40.88 12.24
N LYS A 259 -26.69 40.87 10.98
CA LYS A 259 -28.08 41.10 10.62
C LYS A 259 -28.61 39.89 9.88
N ASN A 260 -27.73 38.91 9.65
CA ASN A 260 -28.03 37.75 8.82
C ASN A 260 -27.16 36.52 9.11
N GLY A 261 -26.69 36.41 10.35
CA GLY A 261 -26.03 35.20 10.83
C GLY A 261 -24.90 34.55 10.04
N ARG A 262 -23.96 35.34 9.53
CA ARG A 262 -22.74 34.73 8.99
C ARG A 262 -21.78 34.42 10.14
N PRO A 263 -21.49 33.11 10.35
CA PRO A 263 -20.62 32.68 11.45
C PRO A 263 -19.16 33.00 11.13
N LYS A 264 -18.51 33.81 11.96
CA LYS A 264 -17.23 34.40 11.56
C LYS A 264 -16.00 33.63 12.04
N PHE A 265 -14.92 33.75 11.26
CA PHE A 265 -13.80 32.83 11.34
C PHE A 265 -12.49 33.44 11.85
N GLU A 266 -12.22 33.18 13.12
CA GLU A 266 -10.94 33.53 13.72
C GLU A 266 -9.90 32.47 13.39
N PRO A 267 -8.68 32.90 12.99
CA PRO A 267 -7.60 31.99 12.62
C PRO A 267 -7.08 31.13 13.77
N VAL A 268 -6.52 29.97 13.43
CA VAL A 268 -5.75 29.17 14.37
C VAL A 268 -4.79 28.25 13.61
N SER A 269 -3.55 28.20 14.06
CA SER A 269 -2.56 27.33 13.42
C SER A 269 -1.91 26.43 14.47
N GLY A 270 -1.43 25.27 14.04
CA GLY A 270 -0.79 24.34 14.97
C GLY A 270 0.42 23.68 14.34
N GLN A 271 1.04 22.78 15.09
CA GLN A 271 2.26 22.11 14.65
C GLN A 271 2.14 20.62 14.90
N LEU A 272 2.28 19.80 13.86
CA LEU A 272 2.06 18.37 13.98
C LEU A 272 2.95 17.71 15.02
N THR A 273 2.32 16.96 15.93
CA THR A 273 3.04 16.18 16.93
C THR A 273 3.70 14.97 16.27
N VAL A 274 4.65 14.35 16.97
CA VAL A 274 5.28 13.15 16.44
C VAL A 274 4.24 12.04 16.26
N GLU A 275 3.26 12.00 17.15
CA GLU A 275 2.13 11.07 17.04
C GLU A 275 1.38 11.36 15.73
N GLU A 276 1.12 12.64 15.48
CA GLU A 276 0.46 13.08 14.25
C GLU A 276 1.30 12.78 13.01
N GLN A 277 2.59 13.10 13.07
CA GLN A 277 3.50 12.83 11.96
C GLN A 277 3.51 11.34 11.64
N ALA A 278 3.53 10.52 12.68
CA ALA A 278 3.48 9.07 12.54
C ALA A 278 2.23 8.64 11.81
N LEU A 279 1.07 9.11 12.28
CA LEU A 279 -0.20 8.77 11.63
C LEU A 279 -0.18 9.23 10.18
N SER A 280 0.38 10.42 9.96
CA SER A 280 0.46 10.98 8.61
C SER A 280 1.22 10.07 7.65
N LEU A 281 2.40 9.62 8.05
N LEU A 281 2.38 9.60 8.07
CA LEU A 281 3.21 8.76 7.20
CA LEU A 281 3.22 8.76 7.22
C LEU A 281 2.49 7.45 6.88
C LEU A 281 2.52 7.45 6.89
N ALA A 282 1.87 6.88 7.90
CA ALA A 282 1.11 5.64 7.74
C ALA A 282 -0.08 5.88 6.82
N LEU A 283 -0.83 6.96 7.09
CA LEU A 283 -1.98 7.29 6.27
C LEU A 283 -1.59 7.47 4.81
N LYS A 284 -0.50 8.21 4.56
CA LYS A 284 0.02 8.38 3.21
C LYS A 284 0.30 7.03 2.54
N ALA A 285 1.00 6.15 3.25
CA ALA A 285 1.33 4.83 2.70
C ALA A 285 0.07 4.01 2.37
N GLN A 286 -0.91 4.05 3.28
CA GLN A 286 -2.16 3.31 3.06
C GLN A 286 -2.88 3.77 1.80
N PHE A 287 -2.71 5.04 1.44
CA PHE A 287 -3.39 5.56 0.26
C PHE A 287 -2.94 4.87 -1.04
N SER A 288 -1.67 4.50 -1.14
CA SER A 288 -1.20 3.77 -2.31
C SER A 288 -2.01 2.49 -2.52
N THR A 289 -2.17 1.73 -1.44
CA THR A 289 -2.87 0.46 -1.48
C THR A 289 -4.33 0.63 -1.90
N TYR A 290 -5.01 1.58 -1.27
CA TYR A 290 -6.40 1.88 -1.60
C TYR A 290 -6.55 2.29 -3.05
N LEU A 291 -5.68 3.19 -3.50
N LEU A 291 -5.67 3.19 -3.49
CA LEU A 291 -5.76 3.72 -4.85
CA LEU A 291 -5.72 3.74 -4.83
C LEU A 291 -5.53 2.63 -5.89
C LEU A 291 -5.52 2.64 -5.87
N ASN A 292 -4.52 1.79 -5.65
CA ASN A 292 -4.21 0.73 -6.60
C ASN A 292 -5.34 -0.26 -6.79
N GLN A 293 -6.02 -0.60 -5.70
CA GLN A 293 -7.12 -1.56 -5.76
C GLN A 293 -8.35 -1.01 -6.48
N LEU A 294 -8.37 0.30 -6.74
CA LEU A 294 -9.47 0.92 -7.48
C LEU A 294 -9.47 0.56 -8.96
N LYS A 295 -8.32 0.12 -9.47
CA LYS A 295 -8.13 -0.17 -10.89
C LYS A 295 -8.57 0.99 -11.80
N LEU A 296 -8.15 2.21 -11.46
CA LEU A 296 -8.43 3.37 -12.30
C LEU A 296 -7.57 3.31 -13.58
N THR A 297 -8.17 3.67 -14.71
CA THR A 297 -7.43 3.67 -15.97
C THR A 297 -7.38 5.05 -16.60
N ALA A 298 -6.27 5.38 -17.24
CA ALA A 298 -6.21 6.56 -18.08
C ALA A 298 -6.92 6.26 -19.38
N SER A 299 -7.19 7.29 -20.17
CA SER A 299 -7.90 7.12 -21.43
C SER A 299 -7.15 6.23 -22.40
N ASP A 300 -5.84 6.05 -22.19
CA ASP A 300 -5.08 5.12 -23.00
C ASP A 300 -5.35 3.69 -22.56
N GLY A 301 -5.88 3.55 -21.34
CA GLY A 301 -6.24 2.25 -20.83
C GLY A 301 -5.29 1.69 -19.79
N THR A 302 -4.24 2.46 -19.46
CA THR A 302 -3.27 2.00 -18.47
C THR A 302 -3.74 2.21 -17.04
N HIS A 303 -3.43 1.24 -16.20
CA HIS A 303 -3.74 1.31 -14.78
C HIS A 303 -3.03 2.49 -14.14
N LEU A 304 -3.79 3.39 -13.54
CA LEU A 304 -3.22 4.49 -12.78
C LEU A 304 -2.79 3.97 -11.41
N THR A 305 -1.51 4.12 -11.08
CA THR A 305 -0.99 3.52 -9.86
C THR A 305 -0.08 4.43 -9.04
N LEU A 306 0.28 3.94 -7.86
CA LEU A 306 1.25 4.59 -7.00
C LEU A 306 2.09 3.51 -6.34
N ASN A 307 3.37 3.78 -6.12
CA ASN A 307 4.21 2.81 -5.42
C ASN A 307 4.19 3.05 -3.91
N GLU A 308 5.09 2.38 -3.19
CA GLU A 308 5.11 2.45 -1.73
C GLU A 308 5.34 3.86 -1.21
N ALA A 309 6.01 4.68 -2.03
CA ALA A 309 6.37 6.03 -1.62
C ALA A 309 5.34 7.06 -2.10
N GLY A 310 4.28 6.56 -2.74
CA GLY A 310 3.20 7.43 -3.21
C GLY A 310 3.52 8.14 -4.52
N MET A 311 4.47 7.61 -5.27
CA MET A 311 4.83 8.15 -6.57
C MET A 311 4.28 7.23 -7.66
N GLY A 312 3.95 7.78 -8.83
CA GLY A 312 3.54 6.96 -9.96
C GLY A 312 2.60 7.67 -10.90
N SER A 313 2.05 6.93 -11.86
CA SER A 313 1.17 7.49 -12.88
C SER A 313 -0.05 8.26 -12.33
N PHE A 314 -0.57 7.86 -11.17
CA PHE A 314 -1.69 8.62 -10.61
C PHE A 314 -1.25 10.00 -10.13
N ARG A 315 -0.07 10.07 -9.52
CA ARG A 315 0.46 11.35 -9.06
C ARG A 315 0.69 12.26 -10.26
N ASP A 316 1.15 11.67 -11.36
CA ASP A 316 1.38 12.40 -12.60
C ASP A 316 0.09 13.01 -13.17
N VAL A 317 -1.02 12.31 -12.95
CA VAL A 317 -2.33 12.80 -13.38
C VAL A 317 -2.78 14.01 -12.56
N VAL A 318 -2.61 13.92 -11.25
CA VAL A 318 -2.85 15.06 -10.37
C VAL A 318 -2.01 16.25 -10.83
N ARG A 319 -0.75 15.98 -11.14
CA ARG A 319 0.16 17.03 -11.58
C ARG A 319 -0.28 17.68 -12.88
N GLN A 320 -0.72 16.84 -13.82
CA GLN A 320 -1.16 17.31 -15.13
C GLN A 320 -2.42 18.19 -15.08
N LEU A 321 -3.32 17.89 -14.14
CA LEU A 321 -4.54 18.68 -13.98
C LEU A 321 -4.22 20.06 -13.40
N LEU A 322 -3.27 20.09 -12.46
CA LEU A 322 -2.81 21.38 -11.92
C LEU A 322 -2.04 22.17 -12.97
N ILE A 323 -1.28 21.47 -13.81
CA ILE A 323 -0.59 22.12 -14.93
C ILE A 323 -1.60 22.69 -15.92
N SER A 324 -2.64 21.91 -16.20
CA SER A 324 -3.71 22.36 -17.09
CA SER A 324 -3.71 22.36 -17.09
C SER A 324 -4.39 23.59 -16.50
N SER A 325 -4.56 23.57 -15.19
CA SER A 325 -5.19 24.67 -14.46
C SER A 325 -4.36 25.95 -14.60
N ALA A 326 -3.06 25.83 -14.32
CA ALA A 326 -2.16 26.97 -14.44
C ALA A 326 -2.07 27.53 -15.86
N GLN A 327 -2.11 26.64 -16.86
CA GLN A 327 -2.00 27.08 -18.25
C GLN A 327 -3.16 27.98 -18.64
N THR A 328 -4.36 27.57 -18.23
CA THR A 328 -5.57 28.35 -18.49
C THR A 328 -5.42 29.74 -17.89
N ALA A 329 -4.89 29.82 -16.67
CA ALA A 329 -4.70 31.09 -15.99
C ALA A 329 -3.61 31.89 -16.68
N PHE A 330 -2.50 31.21 -16.97
CA PHE A 330 -1.37 31.84 -17.65
C PHE A 330 -1.80 32.49 -18.97
N ASP A 331 -2.66 31.80 -19.72
CA ASP A 331 -3.08 32.31 -21.02
C ASP A 331 -3.94 33.56 -20.90
N GLN A 332 -4.44 33.84 -19.70
CA GLN A 332 -5.25 35.02 -19.46
C GLN A 332 -4.48 36.17 -18.79
N GLY A 333 -3.16 36.01 -18.67
CA GLY A 333 -2.33 37.04 -18.08
C GLY A 333 -2.24 36.99 -16.56
N THR A 334 -2.71 35.89 -15.97
CA THR A 334 -2.61 35.67 -14.53
C THR A 334 -1.17 35.35 -14.15
N ASP A 335 -0.71 35.89 -13.02
CA ASP A 335 0.60 35.57 -12.48
C ASP A 335 0.56 34.24 -11.73
N ILE A 336 0.92 33.15 -12.40
CA ILE A 336 0.79 31.83 -11.77
C ILE A 336 1.86 31.57 -10.73
N HIS A 337 2.90 32.40 -10.73
CA HIS A 337 3.98 32.25 -9.76
C HIS A 337 3.62 32.81 -8.39
N LYS A 338 2.33 33.11 -8.19
CA LYS A 338 1.81 33.39 -6.85
C LYS A 338 2.11 32.19 -5.97
N TYR A 339 2.01 31.01 -6.56
CA TYR A 339 2.40 29.77 -5.89
C TYR A 339 3.73 29.25 -6.45
N ALA A 340 4.43 28.43 -5.66
CA ALA A 340 5.73 27.91 -6.06
C ALA A 340 5.60 26.64 -6.89
N GLY A 341 6.68 26.22 -7.53
CA GLY A 341 6.70 24.94 -8.21
C GLY A 341 6.53 24.91 -9.73
N PHE A 342 5.88 25.92 -10.31
CA PHE A 342 5.57 25.86 -11.75
C PHE A 342 6.76 26.22 -12.64
N VAL A 343 6.98 25.39 -13.65
CA VAL A 343 8.00 25.65 -14.66
C VAL A 343 7.32 26.15 -15.93
N VAL A 344 7.69 27.37 -16.34
CA VAL A 344 7.16 27.94 -17.56
C VAL A 344 8.28 28.01 -18.58
N THR A 345 8.05 27.42 -19.75
CA THR A 345 9.04 27.45 -20.81
C THR A 345 8.39 28.20 -21.97
N GLY A 346 8.91 29.39 -22.26
CA GLY A 346 8.28 30.27 -23.22
C GLY A 346 6.87 30.61 -22.78
N ASN A 347 5.88 30.14 -23.55
CA ASN A 347 4.49 30.44 -23.25
C ASN A 347 3.74 29.22 -22.74
N GLN A 348 4.48 28.21 -22.29
CA GLN A 348 3.87 26.97 -21.87
C GLN A 348 4.30 26.56 -20.47
N VAL A 349 3.32 26.24 -19.63
CA VAL A 349 3.56 25.59 -18.34
C VAL A 349 3.96 24.14 -18.63
N THR A 350 5.26 23.87 -18.63
CA THR A 350 5.77 22.57 -19.06
C THR A 350 5.89 21.55 -17.94
N ASP A 351 6.03 22.02 -16.71
CA ASP A 351 6.17 21.10 -15.59
C ASP A 351 5.71 21.73 -14.28
N LEU A 352 5.75 20.93 -13.22
CA LEU A 352 5.33 21.38 -11.90
C LEU A 352 6.01 20.58 -10.80
N ASP A 353 6.65 21.29 -9.88
CA ASP A 353 7.14 20.69 -8.64
C ASP A 353 5.97 20.64 -7.66
N LEU A 354 5.32 19.48 -7.60
CA LEU A 354 4.08 19.33 -6.86
C LEU A 354 4.26 19.60 -5.35
N SER A 355 5.37 19.13 -4.80
CA SER A 355 5.69 19.34 -3.39
C SER A 355 5.89 20.81 -3.05
N ALA A 356 6.57 21.55 -3.93
CA ALA A 356 6.79 22.97 -3.70
C ALA A 356 5.46 23.73 -3.77
N TYR A 357 4.61 23.33 -4.70
CA TYR A 357 3.31 23.95 -4.84
C TYR A 357 2.45 23.74 -3.59
N LEU A 358 2.46 22.51 -3.08
CA LEU A 358 1.64 22.14 -1.93
C LEU A 358 2.12 22.87 -0.68
N LYS A 359 3.43 23.05 -0.59
CA LYS A 359 4.00 23.77 0.53
C LYS A 359 3.61 25.24 0.46
N SER A 360 3.56 25.79 -0.76
N SER A 360 3.56 25.76 -0.77
CA SER A 360 3.16 27.18 -0.93
CA SER A 360 3.16 27.15 -1.01
C SER A 360 1.65 27.36 -0.77
C SER A 360 1.68 27.32 -0.70
N LEU A 361 0.90 26.29 -1.02
CA LEU A 361 -0.55 26.31 -0.82
C LEU A 361 -0.90 26.26 0.66
N THR A 362 -0.04 25.59 1.42
CA THR A 362 -0.21 25.30 2.86
C THR A 362 -1.22 24.21 3.15
N ARG A 363 -0.91 23.42 4.18
CA ARG A 363 -1.83 22.42 4.70
C ARG A 363 -2.90 23.14 5.54
N MET A 364 -4.13 22.66 5.44
CA MET A 364 -5.22 23.26 6.20
C MET A 364 -5.59 22.45 7.45
N LYS A 365 -5.80 21.14 7.29
CA LYS A 365 -6.28 20.31 8.38
C LYS A 365 -5.17 19.54 9.08
N ALA A 366 -5.42 19.15 10.34
CA ALA A 366 -4.49 18.33 11.11
C ALA A 366 -4.71 16.84 10.83
N VAL A 367 -4.16 15.99 11.68
CA VAL A 367 -4.17 14.54 11.43
C VAL A 367 -4.84 13.74 12.55
N PRO A 368 -5.84 12.91 12.20
CA PRO A 368 -6.44 12.78 10.86
C PRO A 368 -7.27 14.03 10.50
N ALA A 369 -7.47 14.25 9.21
CA ALA A 369 -8.17 15.45 8.76
C ALA A 369 -9.67 15.31 8.93
N PHE A 370 -10.17 14.08 8.79
CA PHE A 370 -11.61 13.86 8.81
C PHE A 370 -12.10 13.04 9.99
N ASP A 371 -11.56 11.84 10.15
CA ASP A 371 -11.96 11.01 11.28
C ASP A 371 -11.05 11.31 12.45
N GLN A 372 -11.31 12.39 13.17
CA GLN A 372 -10.45 12.77 14.30
C GLN A 372 -10.50 11.73 15.39
N LEU A 373 -9.37 11.55 16.08
CA LEU A 373 -9.27 10.53 17.12
C LEU A 373 -10.12 10.86 18.35
N ASP A 374 -10.45 12.15 18.52
CA ASP A 374 -11.28 12.55 19.65
C ASP A 374 -12.72 12.89 19.25
N LEU A 375 -13.12 12.45 18.06
CA LEU A 375 -14.49 12.59 17.58
C LEU A 375 -14.96 14.05 17.42
N THR A 376 -14.04 14.98 17.18
CA THR A 376 -14.40 16.40 17.17
C THR A 376 -14.64 16.99 15.77
N SER A 377 -14.63 16.16 14.74
CA SER A 377 -14.80 16.69 13.39
C SER A 377 -16.28 16.75 13.00
N PRO A 378 -16.61 17.58 12.00
CA PRO A 378 -17.98 17.61 11.47
C PRO A 378 -18.42 16.25 10.96
N GLU A 379 -17.49 15.53 10.31
CA GLU A 379 -17.79 14.20 9.79
C GLU A 379 -17.99 13.16 10.91
N ASN A 380 -17.27 13.33 12.02
CA ASN A 380 -17.53 12.47 13.18
C ASN A 380 -18.97 12.65 13.66
N ASN A 381 -19.39 13.90 13.71
CA ASN A 381 -20.73 14.26 14.18
C ASN A 381 -21.80 13.82 13.19
N LEU A 382 -21.48 13.93 11.90
CA LEU A 382 -22.34 13.41 10.84
C LEU A 382 -22.66 11.94 11.04
N PHE A 383 -21.65 11.15 11.41
CA PHE A 383 -21.82 9.71 11.58
C PHE A 383 -22.32 9.29 12.97
N GLY A 384 -22.68 10.27 13.79
CA GLY A 384 -23.33 9.95 15.05
C GLY A 384 -24.78 9.59 14.82
N ASP A 385 -25.50 9.27 15.89
CA ASP A 385 -26.94 9.02 15.80
C ASP A 385 -27.65 9.61 17.03
N ALA A 386 -28.93 9.27 17.19
CA ALA A 386 -29.70 9.73 18.35
C ALA A 386 -29.04 9.37 19.68
N THR A 387 -28.30 8.26 19.68
CA THR A 387 -27.62 7.78 20.89
C THR A 387 -26.21 8.35 21.01
N ALA A 388 -25.45 8.32 19.91
CA ALA A 388 -24.06 8.82 19.90
C ALA A 388 -23.95 10.11 19.13
N LYS A 389 -23.34 11.11 19.75
CA LYS A 389 -23.16 12.41 19.10
C LYS A 389 -22.16 12.29 17.96
N ALA A 390 -21.17 11.41 18.13
CA ALA A 390 -20.12 11.23 17.14
C ALA A 390 -19.68 9.77 17.04
N LYS A 391 -19.16 9.40 15.87
CA LYS A 391 -18.60 8.06 15.67
C LYS A 391 -17.39 8.13 14.75
N HIS A 392 -16.58 7.08 14.79
CA HIS A 392 -15.50 6.92 13.84
C HIS A 392 -16.05 6.25 12.60
N PHE A 393 -15.35 6.37 11.48
CA PHE A 393 -15.83 5.79 10.24
C PHE A 393 -14.65 5.22 9.45
N THR A 394 -13.55 5.01 10.16
CA THR A 394 -12.37 4.35 9.61
C THR A 394 -11.85 3.38 10.67
N ALA A 395 -11.11 2.36 10.25
CA ALA A 395 -10.58 1.37 11.20
C ALA A 395 -9.44 1.96 12.02
N LEU A 396 -8.63 2.79 11.35
CA LEU A 396 -7.47 3.38 11.99
C LEU A 396 -7.84 4.29 13.17
N ALA A 397 -8.78 5.20 12.94
CA ALA A 397 -9.18 6.14 13.98
C ALA A 397 -9.94 5.43 15.11
N GLN A 398 -10.63 4.35 14.77
CA GLN A 398 -11.33 3.58 15.78
C GLN A 398 -10.32 2.84 16.65
N THR A 399 -9.29 2.31 16.01
CA THR A 399 -8.24 1.59 16.73
C THR A 399 -7.44 2.54 17.61
N ARG A 400 -7.22 3.75 17.10
CA ARG A 400 -6.40 4.72 17.83
C ARG A 400 -7.22 5.84 18.46
N SER A 401 -8.47 5.52 18.83
CA SER A 401 -9.37 6.51 19.41
C SER A 401 -8.84 7.02 20.74
N THR A 402 -8.93 8.33 20.95
CA THR A 402 -8.51 8.93 22.21
C THR A 402 -9.70 9.10 23.15
N VAL A 403 -10.89 8.79 22.65
CA VAL A 403 -12.09 8.79 23.46
C VAL A 403 -12.86 7.49 23.23
N THR A 404 -13.68 7.10 24.21
CA THR A 404 -14.57 5.97 24.03
C THR A 404 -15.48 6.23 22.82
N ALA A 405 -15.50 5.29 21.88
CA ALA A 405 -16.22 5.52 20.63
C ALA A 405 -16.63 4.22 19.96
N GLN A 406 -17.56 4.34 19.01
CA GLN A 406 -17.97 3.21 18.20
C GLN A 406 -17.78 3.52 16.72
N LEU A 407 -17.58 2.48 15.93
CA LEU A 407 -17.50 2.63 14.48
C LEU A 407 -18.92 2.73 13.90
N ALA A 408 -19.13 3.70 13.02
CA ALA A 408 -20.40 3.79 12.31
C ALA A 408 -20.62 2.52 11.49
N ASP A 409 -21.88 2.21 11.23
CA ASP A 409 -22.22 1.02 10.44
C ASP A 409 -21.57 1.03 9.05
N ALA A 410 -20.94 -0.08 8.67
CA ALA A 410 -20.23 -0.17 7.39
C ALA A 410 -21.13 0.06 6.16
N GLU A 411 -22.38 -0.39 6.24
CA GLU A 411 -23.32 -0.20 5.13
C GLU A 411 -23.72 1.26 4.99
N LEU A 412 -23.80 1.98 6.11
CA LEU A 412 -24.12 3.40 6.09
C LEU A 412 -23.00 4.22 5.46
N ILE A 413 -21.76 3.92 5.85
CA ILE A 413 -20.60 4.60 5.29
C ILE A 413 -20.58 4.38 3.78
N GLN A 414 -20.81 3.14 3.38
CA GLN A 414 -20.87 2.79 1.97
C GLN A 414 -22.02 3.49 1.26
N ALA A 415 -23.18 3.55 1.90
CA ALA A 415 -24.38 4.11 1.29
C ALA A 415 -24.30 5.61 0.98
N ILE A 416 -23.52 6.36 1.76
CA ILE A 416 -23.43 7.80 1.52
C ILE A 416 -22.17 8.19 0.75
N ASN A 417 -21.43 7.20 0.27
CA ASN A 417 -20.27 7.43 -0.61
C ASN A 417 -20.69 7.25 -2.07
N PRO A 418 -20.62 8.34 -2.86
CA PRO A 418 -20.99 8.28 -4.28
C PRO A 418 -20.25 7.17 -5.04
N LEU A 419 -19.01 6.91 -4.67
CA LEU A 419 -18.19 5.92 -5.37
C LEU A 419 -18.73 4.49 -5.31
N SER A 420 -19.49 4.18 -4.26
CA SER A 420 -20.00 2.82 -4.06
C SER A 420 -20.95 2.40 -5.18
N TYR A 421 -21.55 3.38 -5.83
CA TYR A 421 -22.57 3.13 -6.84
C TYR A 421 -21.96 3.14 -8.24
N LEU A 422 -20.71 3.56 -8.34
CA LEU A 422 -20.09 3.82 -9.64
C LEU A 422 -19.17 2.73 -10.14
N THR A 423 -19.43 1.48 -9.73
CA THR A 423 -18.56 0.38 -10.14
C THR A 423 -19.04 -0.27 -11.43
N THR A 424 -20.13 0.26 -11.99
CA THR A 424 -20.66 -0.20 -13.28
C THR A 424 -21.40 0.93 -13.97
N THR A 425 -21.76 0.73 -15.24
CA THR A 425 -22.69 1.65 -15.89
C THR A 425 -24.13 1.22 -15.58
N SER A 426 -24.72 1.91 -14.62
CA SER A 426 -26.09 1.64 -14.23
C SER A 426 -27.01 2.65 -14.90
N SER A 427 -28.26 2.26 -15.11
CA SER A 427 -29.23 3.17 -15.70
C SER A 427 -29.77 4.13 -14.64
N GLN A 428 -29.51 3.79 -13.38
CA GLN A 428 -29.98 4.60 -12.25
C GLN A 428 -28.99 5.69 -11.87
N VAL A 429 -27.79 5.64 -12.43
CA VAL A 429 -26.81 6.69 -12.22
C VAL A 429 -27.02 7.80 -13.25
N ALA A 430 -26.96 9.05 -12.81
CA ALA A 430 -27.00 10.18 -13.73
C ALA A 430 -25.94 10.03 -14.81
N LYS A 431 -26.29 10.35 -16.05
CA LYS A 431 -25.38 10.16 -17.16
C LYS A 431 -24.43 11.35 -17.36
N HIS A 432 -24.76 12.49 -16.74
CA HIS A 432 -24.01 13.72 -17.00
C HIS A 432 -23.50 14.38 -15.73
N TRP A 433 -22.19 14.58 -15.66
CA TRP A 433 -21.54 15.09 -14.46
C TRP A 433 -20.62 16.26 -14.79
N ARG A 434 -20.66 17.28 -13.93
CA ARG A 434 -19.71 18.39 -14.03
C ARG A 434 -19.17 18.67 -12.64
N ILE A 435 -17.87 18.52 -12.48
CA ILE A 435 -17.25 18.63 -11.16
C ILE A 435 -16.13 19.65 -11.20
N ARG A 436 -16.07 20.48 -10.16
CA ARG A 436 -15.00 21.46 -10.00
C ARG A 436 -14.46 21.42 -8.58
N HIS A 437 -13.15 21.53 -8.45
CA HIS A 437 -12.51 21.68 -7.14
C HIS A 437 -11.37 22.68 -7.32
N GLY A 438 -11.44 23.80 -6.60
CA GLY A 438 -10.47 24.86 -6.79
C GLY A 438 -9.03 24.42 -6.53
N ALA A 439 -8.10 24.94 -7.34
CA ALA A 439 -6.69 24.58 -7.20
C ALA A 439 -6.06 25.15 -5.94
N ALA A 440 -6.79 26.01 -5.24
CA ALA A 440 -6.32 26.52 -3.94
C ALA A 440 -7.22 26.01 -2.82
N ASP A 441 -8.03 25.01 -3.12
CA ASP A 441 -8.92 24.40 -2.12
C ASP A 441 -8.22 23.25 -1.39
N ARG A 442 -7.89 23.48 -0.12
CA ARG A 442 -7.12 22.54 0.69
C ARG A 442 -8.00 21.77 1.68
N ASP A 443 -9.30 21.82 1.49
CA ASP A 443 -10.26 21.20 2.42
C ASP A 443 -10.31 19.67 2.30
N THR A 444 -9.95 19.17 1.13
CA THR A 444 -9.75 17.75 0.92
C THR A 444 -8.74 17.58 -0.19
N SER A 445 -8.03 16.45 -0.21
CA SER A 445 -7.00 16.22 -1.23
C SER A 445 -7.59 16.36 -2.63
N PHE A 446 -6.78 16.86 -3.57
CA PHE A 446 -7.19 16.92 -4.98
C PHE A 446 -7.49 15.52 -5.49
N ALA A 447 -6.86 14.51 -4.90
CA ALA A 447 -7.08 13.12 -5.27
C ALA A 447 -8.55 12.70 -5.12
N ILE A 448 -9.25 13.30 -4.17
CA ILE A 448 -10.63 12.91 -3.88
C ILE A 448 -11.61 13.21 -5.03
N PRO A 449 -11.67 14.49 -5.51
CA PRO A 449 -12.53 14.69 -6.68
C PRO A 449 -11.96 14.06 -7.96
N ILE A 450 -10.65 13.87 -8.02
CA ILE A 450 -10.05 13.30 -9.21
C ILE A 450 -10.43 11.83 -9.36
N ILE A 451 -10.41 11.09 -8.24
CA ILE A 451 -10.85 9.70 -8.25
C ILE A 451 -12.28 9.60 -8.75
N LEU A 452 -13.14 10.46 -8.23
CA LEU A 452 -14.54 10.50 -8.65
C LEU A 452 -14.64 10.75 -10.15
N ALA A 453 -13.89 11.75 -10.62
CA ALA A 453 -13.88 12.09 -12.05
C ALA A 453 -13.47 10.91 -12.93
N ILE A 454 -12.37 10.27 -12.59
CA ILE A 454 -11.85 9.16 -13.37
C ILE A 454 -12.79 7.95 -13.36
N MET A 455 -13.33 7.62 -12.19
CA MET A 455 -14.23 6.47 -12.08
C MET A 455 -15.46 6.67 -12.95
N LEU A 456 -15.99 7.88 -12.97
CA LEU A 456 -17.11 8.22 -13.85
C LEU A 456 -16.73 8.01 -15.31
N GLU A 457 -15.57 8.52 -15.71
CA GLU A 457 -15.10 8.39 -17.08
C GLU A 457 -14.91 6.92 -17.46
N ASN A 458 -14.24 6.18 -16.59
CA ASN A 458 -13.98 4.76 -16.83
C ASN A 458 -15.25 3.96 -17.08
N HIS A 459 -16.34 4.36 -16.44
CA HIS A 459 -17.58 3.59 -16.53
C HIS A 459 -18.58 4.13 -17.55
N GLY A 460 -18.14 5.08 -18.37
CA GLY A 460 -18.94 5.53 -19.49
C GLY A 460 -19.82 6.75 -19.27
N TYR A 461 -19.72 7.38 -18.10
CA TYR A 461 -20.52 8.56 -17.83
C TYR A 461 -19.88 9.83 -18.38
N GLY A 462 -20.72 10.81 -18.75
CA GLY A 462 -20.22 12.10 -19.18
C GLY A 462 -19.68 12.86 -17.98
N ILE A 463 -18.45 13.33 -18.08
CA ILE A 463 -17.84 14.01 -16.94
C ILE A 463 -17.00 15.21 -17.40
N ASP A 464 -17.39 16.38 -16.90
CA ASP A 464 -16.71 17.63 -17.19
C ASP A 464 -15.96 18.02 -15.93
N PHE A 465 -14.63 17.96 -15.98
CA PHE A 465 -13.85 18.13 -14.76
C PHE A 465 -12.67 19.10 -14.91
N ALA A 466 -12.42 19.88 -13.87
CA ALA A 466 -11.27 20.76 -13.86
C ALA A 466 -10.97 21.24 -12.44
N LEU A 467 -9.75 21.71 -12.24
CA LEU A 467 -9.35 22.31 -10.98
C LEU A 467 -9.08 23.79 -11.19
N PRO A 468 -10.11 24.64 -11.14
CA PRO A 468 -9.96 26.06 -11.51
C PRO A 468 -8.87 26.79 -10.74
N TRP A 469 -8.02 27.52 -11.45
CA TRP A 469 -6.84 28.18 -10.86
C TRP A 469 -7.17 29.15 -9.73
N ASP A 470 -6.42 29.03 -8.62
CA ASP A 470 -6.49 29.95 -7.48
C ASP A 470 -7.90 30.11 -6.91
N ILE A 471 -8.69 29.04 -7.00
CA ILE A 471 -10.03 29.06 -6.45
C ILE A 471 -10.02 28.38 -5.08
N PRO A 472 -10.51 29.09 -4.04
CA PRO A 472 -10.50 28.55 -2.69
C PRO A 472 -11.69 27.62 -2.47
N HIS A 473 -11.88 27.18 -1.22
CA HIS A 473 -13.05 26.38 -0.87
C HIS A 473 -14.31 27.23 -1.08
N SER A 474 -15.01 26.96 -2.18
CA SER A 474 -16.16 27.75 -2.60
C SER A 474 -16.88 27.02 -3.72
N GLY A 475 -17.93 27.63 -4.25
CA GLY A 475 -18.67 27.11 -5.39
C GLY A 475 -19.45 28.20 -6.08
N ASP A 476 -20.13 27.84 -7.18
CA ASP A 476 -20.98 28.77 -7.91
C ASP A 476 -20.23 30.01 -8.43
N TYR A 477 -18.96 29.85 -8.77
CA TYR A 477 -18.12 30.98 -9.18
C TYR A 477 -17.92 31.08 -10.69
N ASP A 478 -18.52 30.13 -11.42
CA ASP A 478 -18.35 30.02 -12.86
C ASP A 478 -19.70 29.74 -13.53
N LEU A 479 -20.72 30.50 -13.12
CA LEU A 479 -22.09 30.19 -13.51
C LEU A 479 -22.29 30.23 -15.02
N GLY A 480 -21.56 31.12 -15.69
CA GLY A 480 -21.66 31.25 -17.14
C GLY A 480 -21.29 29.96 -17.85
N ASP A 481 -20.27 29.27 -17.31
CA ASP A 481 -19.83 28.00 -17.86
C ASP A 481 -20.70 26.84 -17.39
N LEU A 482 -21.15 26.91 -16.14
CA LEU A 482 -22.08 25.89 -15.64
C LEU A 482 -23.37 25.90 -16.47
N PHE A 483 -23.89 27.09 -16.72
CA PHE A 483 -25.15 27.23 -17.45
C PHE A 483 -25.00 26.87 -18.92
N SER A 484 -23.84 27.17 -19.50
CA SER A 484 -23.54 26.76 -20.86
C SER A 484 -23.51 25.24 -20.95
N TRP A 485 -22.90 24.60 -19.95
CA TRP A 485 -22.89 23.14 -19.87
C TRP A 485 -24.30 22.57 -19.78
N ILE A 486 -25.11 23.14 -18.89
CA ILE A 486 -26.50 22.70 -18.73
C ILE A 486 -27.28 22.83 -20.04
N ASP A 487 -27.16 23.99 -20.68
CA ASP A 487 -27.88 24.26 -21.92
C ASP A 487 -27.46 23.32 -23.05
N GLY A 488 -26.17 22.95 -23.07
CA GLY A 488 -25.65 22.01 -24.06
C GLY A 488 -26.31 20.65 -23.91
N LEU A 489 -26.62 20.28 -22.67
CA LEU A 489 -27.30 19.03 -22.37
C LEU A 489 -28.79 19.04 -22.70
N CYS A 490 -29.45 20.15 -22.41
CA CYS A 490 -30.91 20.17 -22.35
C CYS A 490 -31.65 20.71 -23.59
N GLN A 491 -30.98 21.53 -24.39
CA GLN A 491 -31.65 22.14 -25.53
C GLN A 491 -31.59 21.28 -26.80
N SER B 22 48.01 -16.25 -9.95
CA SER B 22 48.46 -15.75 -11.26
C SER B 22 47.92 -16.64 -12.36
N MET B 23 48.35 -16.38 -13.59
CA MET B 23 47.88 -17.16 -14.73
C MET B 23 48.57 -18.52 -14.82
N SER B 24 49.59 -18.73 -13.99
CA SER B 24 50.18 -20.05 -13.86
C SER B 24 49.21 -21.03 -13.20
N ASN B 25 48.28 -20.50 -12.42
CA ASN B 25 47.24 -21.32 -11.82
C ASN B 25 46.28 -21.78 -12.90
N ARG B 26 46.39 -23.04 -13.32
CA ARG B 26 45.59 -23.54 -14.44
C ARG B 26 44.17 -23.93 -14.02
N LEU B 27 43.91 -23.92 -12.72
CA LEU B 27 42.59 -24.25 -12.17
C LEU B 27 42.15 -25.67 -12.53
N ILE B 28 43.13 -26.56 -12.68
CA ILE B 28 42.88 -27.95 -13.02
C ILE B 28 43.01 -28.80 -11.77
N PHE B 29 41.91 -29.46 -11.38
CA PHE B 29 41.94 -30.37 -10.24
C PHE B 29 42.66 -31.67 -10.57
N ASP B 30 43.45 -32.18 -9.62
CA ASP B 30 44.14 -33.45 -9.77
C ASP B 30 43.68 -34.39 -8.66
N ALA B 31 43.02 -35.48 -9.03
CA ALA B 31 42.53 -36.45 -8.04
C ALA B 31 43.66 -37.08 -7.22
N ASP B 32 44.89 -36.99 -7.71
CA ASP B 32 46.04 -37.49 -6.98
C ASP B 32 46.36 -36.61 -5.76
N TRP B 33 45.72 -35.44 -5.68
CA TRP B 33 45.85 -34.57 -4.52
C TRP B 33 45.10 -35.15 -3.31
N LEU B 34 44.17 -36.05 -3.57
CA LEU B 34 43.25 -36.55 -2.54
C LEU B 34 43.95 -37.49 -1.54
N VAL B 35 43.85 -37.15 -0.25
CA VAL B 35 44.49 -37.95 0.80
C VAL B 35 43.45 -38.58 1.74
N PRO B 36 43.68 -39.84 2.15
CA PRO B 36 42.71 -40.59 2.96
C PRO B 36 42.60 -40.05 4.39
N GLU B 37 41.38 -39.94 4.90
CA GLU B 37 41.16 -39.47 6.25
C GLU B 37 39.90 -40.12 6.80
N GLN B 38 39.65 -39.93 8.09
CA GLN B 38 38.39 -40.36 8.65
C GLN B 38 38.02 -39.53 9.85
N VAL B 39 36.73 -39.47 10.17
CA VAL B 39 36.26 -38.77 11.35
C VAL B 39 35.57 -39.78 12.24
N GLN B 40 35.92 -39.76 13.52
CA GLN B 40 35.29 -40.63 14.49
C GLN B 40 34.39 -39.81 15.41
N VAL B 41 33.11 -39.73 15.04
CA VAL B 41 32.18 -38.95 15.84
C VAL B 41 30.91 -39.75 16.10
N ALA B 42 30.38 -39.63 17.32
CA ALA B 42 29.15 -40.33 17.77
C ALA B 42 29.00 -41.77 17.30
N GLY B 43 30.00 -42.61 17.56
CA GLY B 43 29.93 -44.03 17.24
C GLY B 43 30.15 -44.33 15.76
N GLN B 44 30.45 -43.30 14.98
CA GLN B 44 30.65 -43.46 13.55
C GLN B 44 32.13 -43.33 13.19
N ALA B 45 32.53 -44.02 12.12
CA ALA B 45 33.87 -43.85 11.58
C ALA B 45 33.72 -43.62 10.09
N ILE B 46 33.64 -42.35 9.69
CA ILE B 46 33.32 -42.02 8.31
C ILE B 46 34.60 -41.79 7.52
N GLN B 47 34.82 -42.63 6.51
CA GLN B 47 36.05 -42.59 5.73
C GLN B 47 35.88 -41.75 4.48
N TYR B 48 36.86 -40.90 4.20
CA TYR B 48 36.77 -39.96 3.10
C TYR B 48 38.16 -39.57 2.60
N TYR B 49 38.21 -38.80 1.53
CA TYR B 49 39.47 -38.27 1.02
C TYR B 49 39.38 -36.76 0.96
N ALA B 50 40.50 -36.09 1.21
CA ALA B 50 40.48 -34.63 1.30
C ALA B 50 41.52 -34.00 0.40
N ALA B 51 41.16 -32.87 -0.20
CA ALA B 51 42.12 -32.05 -0.95
C ALA B 51 41.83 -30.63 -0.55
N ARG B 52 42.74 -30.01 0.19
CA ARG B 52 42.45 -28.73 0.84
C ARG B 52 43.17 -27.53 0.22
N ASN B 53 42.58 -26.36 0.46
CA ASN B 53 43.23 -25.08 0.16
C ASN B 53 43.50 -24.88 -1.32
N ILE B 54 42.56 -25.31 -2.14
CA ILE B 54 42.65 -25.10 -3.58
C ILE B 54 42.25 -23.67 -3.95
N GLN B 55 43.18 -22.95 -4.57
CA GLN B 55 42.92 -21.61 -5.08
C GLN B 55 42.01 -21.73 -6.30
N TYR B 56 40.75 -21.34 -6.17
CA TYR B 56 39.77 -21.58 -7.22
C TYR B 56 39.64 -20.44 -8.25
N VAL B 57 40.37 -19.35 -8.06
CA VAL B 57 40.48 -18.33 -9.11
C VAL B 57 41.95 -18.04 -9.40
N GLN B 58 42.23 -17.41 -10.54
CA GLN B 58 43.62 -17.14 -10.91
C GLN B 58 44.14 -15.87 -10.22
N HIS B 59 43.24 -14.96 -9.90
CA HIS B 59 43.65 -13.69 -9.29
C HIS B 59 42.86 -13.40 -8.03
N PRO B 60 43.11 -14.18 -6.97
CA PRO B 60 42.35 -13.92 -5.73
C PRO B 60 42.82 -12.62 -5.10
N VAL B 61 41.92 -11.95 -4.37
CA VAL B 61 42.27 -10.73 -3.67
C VAL B 61 42.30 -10.96 -2.16
N ALA B 62 41.85 -12.14 -1.75
CA ALA B 62 41.76 -12.46 -0.32
C ALA B 62 42.14 -13.90 -0.06
N ALA B 63 42.88 -14.11 1.02
CA ALA B 63 43.35 -15.45 1.38
C ALA B 63 42.21 -16.45 1.57
N ILE B 64 41.01 -15.94 1.84
CA ILE B 64 39.87 -16.83 2.14
C ILE B 64 39.34 -17.51 0.87
N GLN B 65 39.76 -17.04 -0.29
CA GLN B 65 39.26 -17.56 -1.55
C GLN B 65 39.93 -18.88 -1.93
N VAL B 66 39.78 -19.88 -1.06
CA VAL B 66 40.22 -21.23 -1.38
C VAL B 66 39.04 -22.17 -1.14
N LEU B 67 39.10 -23.36 -1.72
CA LEU B 67 38.05 -24.35 -1.47
C LEU B 67 38.65 -25.68 -1.04
N ASN B 68 37.86 -26.48 -0.34
CA ASN B 68 38.26 -27.81 0.08
C ASN B 68 37.37 -28.82 -0.62
N VAL B 69 37.91 -29.98 -0.96
CA VAL B 69 37.16 -31.04 -1.61
C VAL B 69 37.17 -32.30 -0.76
N PHE B 70 36.00 -32.86 -0.47
CA PHE B 70 35.92 -34.09 0.32
C PHE B 70 35.10 -35.15 -0.41
N VAL B 71 35.66 -36.35 -0.55
CA VAL B 71 35.05 -37.41 -1.34
C VAL B 71 34.89 -38.67 -0.51
N PRO B 72 33.71 -39.32 -0.56
CA PRO B 72 33.58 -40.60 0.17
C PRO B 72 34.65 -41.59 -0.29
N ALA B 73 35.19 -42.36 0.65
CA ALA B 73 36.34 -43.21 0.34
C ALA B 73 36.03 -44.26 -0.72
N ALA B 74 34.78 -44.70 -0.78
CA ALA B 74 34.39 -45.76 -1.72
C ALA B 74 34.69 -45.38 -3.17
N TYR B 75 34.60 -44.08 -3.47
CA TYR B 75 34.76 -43.60 -4.84
C TYR B 75 36.21 -43.61 -5.31
N LEU B 76 37.15 -43.90 -4.42
CA LEU B 76 38.56 -43.92 -4.80
C LEU B 76 39.02 -45.34 -5.11
N HIS B 77 38.13 -46.31 -4.94
CA HIS B 77 38.43 -47.67 -5.38
C HIS B 77 37.26 -48.31 -6.15
N GLY B 78 36.53 -47.48 -6.87
CA GLY B 78 35.51 -47.96 -7.80
C GLY B 78 34.20 -48.45 -7.19
N SER B 79 34.02 -48.23 -5.89
N SER B 79 34.02 -48.22 -5.90
CA SER B 79 32.83 -48.75 -5.21
CA SER B 79 32.84 -48.73 -5.19
C SER B 79 31.72 -47.70 -5.17
C SER B 79 31.70 -47.71 -5.19
N SER B 80 30.64 -48.02 -4.48
CA SER B 80 29.47 -47.15 -4.44
C SER B 80 28.96 -46.92 -3.02
N VAL B 81 28.19 -45.86 -2.86
CA VAL B 81 27.52 -45.55 -1.59
C VAL B 81 26.09 -45.15 -1.88
N ASN B 82 25.13 -45.92 -1.37
CA ASN B 82 23.71 -45.60 -1.54
C ASN B 82 23.33 -45.46 -3.02
N GLY B 83 23.92 -46.30 -3.86
CA GLY B 83 23.63 -46.29 -5.28
C GLY B 83 24.49 -45.32 -6.08
N TYR B 84 25.08 -44.35 -5.40
CA TYR B 84 25.92 -43.36 -6.08
C TYR B 84 27.31 -43.89 -6.37
N GLN B 85 27.92 -43.37 -7.44
CA GLN B 85 29.29 -43.75 -7.80
C GLN B 85 30.14 -42.50 -8.02
N ARG B 86 31.41 -42.71 -8.36
CA ARG B 86 32.36 -41.61 -8.53
C ARG B 86 31.87 -40.57 -9.55
N ALA B 87 31.33 -41.05 -10.66
CA ALA B 87 30.89 -40.16 -11.73
C ALA B 87 29.52 -39.54 -11.47
N THR B 88 28.73 -40.17 -10.61
CA THR B 88 27.31 -39.84 -10.49
C THR B 88 26.88 -39.23 -9.14
N ALA B 89 27.79 -39.18 -8.17
CA ALA B 89 27.44 -38.63 -6.86
C ALA B 89 27.06 -37.16 -6.94
N PRO B 90 26.06 -36.75 -6.15
CA PRO B 90 25.71 -35.33 -6.05
C PRO B 90 26.85 -34.58 -5.39
N ILE B 91 27.01 -33.31 -5.74
CA ILE B 91 28.02 -32.47 -5.11
C ILE B 91 27.33 -31.42 -4.26
N LEU B 92 27.51 -31.53 -2.95
CA LEU B 92 26.92 -30.57 -2.03
C LEU B 92 27.91 -29.44 -1.88
N MET B 93 27.45 -28.21 -2.05
CA MET B 93 28.33 -27.05 -1.88
C MET B 93 27.81 -26.15 -0.77
N PRO B 94 28.09 -26.53 0.47
CA PRO B 94 27.62 -25.75 1.62
C PRO B 94 28.52 -24.54 1.80
N ASN B 95 28.05 -23.55 2.54
CA ASN B 95 28.88 -22.42 2.88
C ASN B 95 28.72 -22.06 4.34
N THR B 96 29.69 -21.33 4.87
CA THR B 96 29.66 -20.94 6.28
C THR B 96 29.37 -19.45 6.46
N VAL B 97 28.75 -18.83 5.44
CA VAL B 97 28.39 -17.41 5.54
C VAL B 97 27.26 -17.18 6.53
N GLY B 98 27.48 -16.27 7.48
CA GLY B 98 26.43 -15.80 8.37
C GLY B 98 26.64 -14.31 8.59
N GLY B 99 25.54 -13.56 8.66
CA GLY B 99 25.59 -12.12 8.86
C GLY B 99 26.34 -11.39 7.76
N TYR B 100 26.36 -11.99 6.57
CA TYR B 100 27.11 -11.43 5.43
C TYR B 100 28.59 -11.18 5.74
N LEU B 101 29.09 -11.93 6.73
CA LEU B 101 30.49 -11.98 7.10
C LEU B 101 31.20 -12.98 6.19
N PRO B 102 32.55 -12.98 6.18
CA PRO B 102 33.23 -13.99 5.38
C PRO B 102 32.99 -15.41 5.90
N GLY B 103 32.85 -16.37 4.99
CA GLY B 103 32.62 -17.75 5.37
C GLY B 103 33.77 -18.64 4.97
N PRO B 104 34.59 -19.05 5.95
CA PRO B 104 35.78 -19.87 5.67
C PRO B 104 35.43 -21.21 5.03
N ALA B 105 36.32 -21.73 4.19
CA ALA B 105 36.14 -23.06 3.61
C ALA B 105 35.95 -24.10 4.72
N ASP B 106 34.88 -24.89 4.64
CA ASP B 106 34.54 -25.79 5.72
C ASP B 106 35.31 -27.11 5.63
N ASP B 107 35.13 -27.97 6.63
CA ASP B 107 35.98 -29.14 6.80
C ASP B 107 35.32 -30.06 7.83
N PRO B 108 35.24 -31.37 7.54
CA PRO B 108 34.64 -32.28 8.53
C PRO B 108 35.45 -32.36 9.82
N GLN B 109 36.70 -31.93 9.75
CA GLN B 109 37.58 -31.94 10.92
C GLN B 109 37.51 -30.63 11.69
N ARG B 110 36.75 -29.68 11.15
CA ARG B 110 36.73 -28.33 11.69
C ARG B 110 35.93 -28.23 12.99
N VAL B 111 36.56 -27.67 14.01
CA VAL B 111 35.93 -27.47 15.32
C VAL B 111 35.85 -26.00 15.64
N THR B 112 36.20 -25.17 14.66
CA THR B 112 36.25 -23.72 14.82
C THR B 112 35.03 -23.04 14.20
N TRP B 113 34.47 -22.07 14.91
CA TRP B 113 33.32 -21.31 14.41
C TRP B 113 33.75 -20.36 13.29
N PRO B 114 32.94 -20.27 12.22
CA PRO B 114 31.71 -21.05 11.98
C PRO B 114 32.01 -22.33 11.21
N THR B 115 31.23 -23.37 11.47
CA THR B 115 31.40 -24.64 10.75
C THR B 115 30.10 -25.44 10.69
N ASN B 116 29.92 -26.16 9.59
CA ASN B 116 28.89 -27.17 9.50
C ASN B 116 29.56 -28.53 9.30
N ALA B 117 30.58 -28.79 10.13
CA ALA B 117 31.38 -30.00 10.01
C ALA B 117 30.52 -31.24 10.07
N GLY B 118 29.50 -31.22 10.93
CA GLY B 118 28.62 -32.37 11.11
C GLY B 118 27.86 -32.71 9.85
N THR B 119 27.32 -31.68 9.19
CA THR B 119 26.60 -31.86 7.95
C THR B 119 27.52 -32.47 6.89
N ILE B 120 28.74 -31.96 6.83
CA ILE B 120 29.73 -32.49 5.89
C ILE B 120 29.99 -33.97 6.18
N GLN B 121 30.16 -34.30 7.45
CA GLN B 121 30.34 -35.69 7.86
C GLN B 121 29.17 -36.55 7.39
N GLN B 122 27.95 -36.08 7.62
CA GLN B 122 26.76 -36.86 7.26
C GLN B 122 26.58 -36.94 5.74
N ALA B 123 26.91 -35.86 5.06
CA ALA B 123 26.80 -35.82 3.60
C ALA B 123 27.74 -36.85 2.98
N LEU B 124 28.97 -36.91 3.48
CA LEU B 124 29.94 -37.91 3.04
C LEU B 124 29.47 -39.34 3.29
N LYS B 125 28.80 -39.56 4.41
CA LYS B 125 28.32 -40.89 4.76
C LYS B 125 27.18 -41.29 3.83
N ARG B 126 26.44 -40.30 3.35
CA ARG B 126 25.30 -40.50 2.46
C ARG B 126 25.78 -40.77 1.03
N GLY B 127 27.02 -40.42 0.75
CA GLY B 127 27.58 -40.64 -0.58
C GLY B 127 27.78 -39.39 -1.41
N TYR B 128 27.67 -38.22 -0.80
CA TYR B 128 27.81 -36.98 -1.54
C TYR B 128 29.27 -36.55 -1.55
N VAL B 129 29.70 -35.97 -2.68
CA VAL B 129 30.95 -35.21 -2.70
C VAL B 129 30.65 -33.85 -2.07
N VAL B 130 31.60 -33.33 -1.30
CA VAL B 130 31.41 -32.01 -0.71
C VAL B 130 32.54 -31.07 -1.14
N VAL B 131 32.16 -29.95 -1.75
CA VAL B 131 33.10 -28.90 -2.07
C VAL B 131 32.76 -27.68 -1.23
N ALA B 132 33.57 -27.43 -0.21
CA ALA B 132 33.32 -26.34 0.72
C ALA B 132 34.21 -25.16 0.38
N ALA B 133 33.61 -24.12 -0.19
CA ALA B 133 34.36 -22.98 -0.68
C ALA B 133 34.45 -21.89 0.39
N GLY B 134 35.62 -21.27 0.50
CA GLY B 134 35.75 -20.08 1.31
C GLY B 134 35.16 -18.89 0.54
N ILE B 135 34.44 -18.03 1.25
CA ILE B 135 33.68 -16.94 0.64
CA ILE B 135 33.70 -16.94 0.62
C ILE B 135 33.99 -15.61 1.31
N ARG B 136 34.31 -14.58 0.54
CA ARG B 136 34.55 -13.25 1.10
C ARG B 136 33.28 -12.72 1.76
N GLY B 137 33.44 -11.87 2.77
CA GLY B 137 32.32 -11.15 3.37
C GLY B 137 32.66 -9.70 3.65
N ARG B 138 31.75 -9.01 4.32
CA ARG B 138 31.78 -7.55 4.41
C ARG B 138 33.01 -6.98 5.11
N THR B 139 33.70 -7.79 5.89
CA THR B 139 34.88 -7.31 6.63
C THR B 139 36.22 -7.67 6.00
N THR B 140 36.18 -8.40 4.88
N THR B 140 36.20 -8.42 4.90
CA THR B 140 37.39 -8.86 4.20
CA THR B 140 37.44 -8.85 4.28
C THR B 140 38.18 -7.70 3.58
C THR B 140 38.18 -7.71 3.61
N VAL B 141 39.49 -7.66 3.84
CA VAL B 141 40.34 -6.67 3.21
C VAL B 141 41.37 -7.37 2.35
N ASP B 142 41.90 -6.68 1.34
CA ASP B 142 42.97 -7.26 0.53
C ASP B 142 44.33 -7.01 1.19
N LYS B 143 45.41 -7.36 0.51
CA LYS B 143 46.73 -7.21 1.11
C LYS B 143 47.15 -5.76 1.24
N SER B 144 46.40 -4.85 0.61
CA SER B 144 46.63 -3.41 0.78
C SER B 144 45.79 -2.85 1.92
N GLY B 145 44.83 -3.65 2.38
CA GLY B 145 43.95 -3.24 3.46
C GLY B 145 42.65 -2.61 2.98
N GLN B 146 42.44 -2.60 1.66
CA GLN B 146 41.20 -2.10 1.07
C GLN B 146 40.08 -3.13 1.18
N ARG B 147 38.84 -2.68 1.37
CA ARG B 147 37.71 -3.61 1.47
C ARG B 147 37.43 -4.28 0.13
N VAL B 148 37.38 -5.60 0.11
CA VAL B 148 37.16 -6.33 -1.14
C VAL B 148 36.10 -7.40 -0.98
N GLY B 149 35.31 -7.31 0.09
CA GLY B 149 34.33 -8.35 0.35
C GLY B 149 32.89 -7.88 0.50
N GLN B 150 32.63 -6.61 0.22
CA GLN B 150 31.24 -6.14 0.27
C GLN B 150 30.51 -6.58 -1.01
N ALA B 151 29.20 -6.33 -1.07
CA ALA B 151 28.38 -6.86 -2.16
C ALA B 151 28.90 -6.37 -3.50
N PRO B 152 28.88 -7.24 -4.54
CA PRO B 152 28.37 -8.61 -4.51
C PRO B 152 29.47 -9.67 -4.36
N ALA B 153 30.49 -9.40 -3.55
CA ALA B 153 31.62 -10.34 -3.44
C ALA B 153 31.20 -11.75 -3.01
N PHE B 154 30.25 -11.85 -2.10
CA PHE B 154 29.86 -13.16 -1.58
C PHE B 154 29.35 -14.09 -2.68
N ILE B 155 28.58 -13.56 -3.62
CA ILE B 155 28.01 -14.40 -4.67
C ILE B 155 28.97 -14.56 -5.85
N VAL B 156 29.84 -13.57 -6.06
CA VAL B 156 30.88 -13.72 -7.08
C VAL B 156 31.78 -14.91 -6.73
N ASP B 157 32.24 -14.95 -5.48
CA ASP B 157 33.03 -16.09 -4.99
C ASP B 157 32.28 -17.41 -5.09
N MET B 158 31.02 -17.43 -4.67
CA MET B 158 30.24 -18.66 -4.72
C MET B 158 30.18 -19.17 -6.16
N LYS B 159 29.87 -18.27 -7.10
CA LYS B 159 29.83 -18.62 -8.52
C LYS B 159 31.19 -19.09 -9.04
N ALA B 160 32.26 -18.42 -8.62
CA ALA B 160 33.60 -18.80 -9.06
C ALA B 160 33.96 -20.22 -8.57
N ALA B 161 33.52 -20.57 -7.37
CA ALA B 161 33.78 -21.91 -6.85
C ALA B 161 32.99 -22.95 -7.64
N ILE B 162 31.74 -22.61 -7.98
CA ILE B 162 30.90 -23.44 -8.84
C ILE B 162 31.57 -23.63 -10.20
N ARG B 163 32.07 -22.53 -10.77
CA ARG B 163 32.76 -22.61 -12.06
C ARG B 163 33.98 -23.52 -11.98
N TYR B 164 34.71 -23.45 -10.87
CA TYR B 164 35.86 -24.35 -10.67
C TYR B 164 35.44 -25.82 -10.72
N VAL B 165 34.32 -26.14 -10.06
CA VAL B 165 33.81 -27.50 -10.01
C VAL B 165 33.33 -27.98 -11.38
N LYS B 166 32.61 -27.12 -12.10
CA LYS B 166 32.08 -27.48 -13.40
C LYS B 166 33.19 -27.60 -14.44
N TYR B 167 34.18 -26.72 -14.35
CA TYR B 167 35.34 -26.78 -15.21
C TYR B 167 36.10 -28.09 -15.00
N ASN B 168 36.05 -28.61 -13.79
CA ASN B 168 36.77 -29.83 -13.45
C ASN B 168 35.90 -31.09 -13.44
N GLN B 169 34.77 -31.02 -14.11
N GLN B 169 34.77 -31.03 -14.13
CA GLN B 169 33.87 -32.18 -14.25
CA GLN B 169 33.86 -32.18 -14.23
C GLN B 169 34.66 -33.40 -14.74
C GLN B 169 34.59 -33.41 -14.78
N GLY B 170 34.54 -34.50 -14.02
CA GLY B 170 35.22 -35.73 -14.40
C GLY B 170 36.74 -35.69 -14.23
N ARG B 171 37.23 -34.67 -13.54
CA ARG B 171 38.56 -34.69 -12.96
C ARG B 171 38.27 -34.78 -11.47
N LEU B 172 37.27 -34.01 -11.09
CA LEU B 172 36.69 -34.03 -9.76
C LEU B 172 35.64 -35.13 -9.67
N PRO B 173 35.74 -35.98 -8.63
CA PRO B 173 34.67 -36.95 -8.32
C PRO B 173 33.35 -36.21 -8.10
N GLY B 174 32.23 -36.88 -8.42
CA GLY B 174 30.92 -36.24 -8.31
C GLY B 174 30.43 -35.70 -9.64
N ASP B 175 29.13 -35.58 -9.77
CA ASP B 175 28.51 -35.08 -11.00
C ASP B 175 28.30 -33.57 -10.89
N ALA B 176 29.06 -32.80 -11.66
CA ALA B 176 28.96 -31.34 -11.59
C ALA B 176 27.62 -30.82 -12.11
N ASN B 177 26.85 -31.69 -12.76
CA ASN B 177 25.50 -31.36 -13.19
C ASN B 177 24.49 -31.57 -12.07
N ARG B 178 24.99 -32.02 -10.91
CA ARG B 178 24.16 -32.24 -9.75
C ARG B 178 24.74 -31.49 -8.56
N ILE B 179 24.99 -30.20 -8.74
CA ILE B 179 25.44 -29.34 -7.65
C ILE B 179 24.24 -28.84 -6.84
N ILE B 180 24.22 -29.17 -5.55
CA ILE B 180 23.20 -28.67 -4.63
C ILE B 180 23.86 -27.74 -3.60
N THR B 181 23.55 -26.44 -3.65
CA THR B 181 24.14 -25.51 -2.68
C THR B 181 23.36 -25.58 -1.38
N ASN B 182 24.00 -25.17 -0.29
CA ASN B 182 23.33 -25.18 1.00
C ASN B 182 23.90 -24.08 1.87
N GLY B 183 23.06 -23.49 2.71
CA GLY B 183 23.50 -22.44 3.60
C GLY B 183 22.41 -22.05 4.57
N THR B 184 22.80 -21.35 5.63
CA THR B 184 21.83 -20.87 6.61
C THR B 184 21.87 -19.36 6.68
N SER B 185 20.68 -18.74 6.68
CA SER B 185 20.53 -17.30 6.85
C SER B 185 21.14 -16.51 5.69
N ALA B 186 22.13 -15.66 5.98
CA ALA B 186 22.87 -14.98 4.91
C ALA B 186 23.44 -15.99 3.91
N GLY B 187 23.88 -17.13 4.44
CA GLY B 187 24.35 -18.24 3.62
C GLY B 187 23.22 -18.94 2.89
N GLY B 188 21.99 -18.81 3.39
CA GLY B 188 20.84 -19.35 2.70
C GLY B 188 20.49 -18.45 1.52
N ALA B 189 20.64 -17.14 1.75
CA ALA B 189 20.51 -16.17 0.67
C ALA B 189 21.57 -16.40 -0.39
N THR B 190 22.77 -16.81 0.04
CA THR B 190 23.86 -17.07 -0.89
C THR B 190 23.50 -18.26 -1.77
N SER B 191 23.00 -19.32 -1.13
CA SER B 191 22.56 -20.53 -1.81
C SER B 191 21.40 -20.25 -2.77
N ALA B 192 20.38 -19.56 -2.27
CA ALA B 192 19.23 -19.18 -3.10
C ALA B 192 19.65 -18.31 -4.28
N LEU B 193 20.58 -17.38 -4.04
CA LEU B 193 21.03 -16.47 -5.10
C LEU B 193 21.77 -17.20 -6.22
N ALA B 194 22.57 -18.19 -5.86
CA ALA B 194 23.33 -18.97 -6.84
C ALA B 194 22.37 -19.74 -7.73
N GLY B 195 21.28 -20.22 -7.13
CA GLY B 195 20.27 -20.97 -7.85
C GLY B 195 19.43 -20.10 -8.76
N ALA B 196 19.26 -18.83 -8.36
CA ALA B 196 18.40 -17.91 -9.09
C ALA B 196 19.13 -17.24 -10.25
N SER B 197 20.44 -17.02 -10.08
CA SER B 197 21.17 -16.12 -10.97
C SER B 197 22.18 -16.79 -11.89
N GLY B 198 21.98 -18.08 -12.17
CA GLY B 198 22.89 -18.84 -13.02
C GLY B 198 23.28 -18.14 -14.31
N ASN B 199 24.58 -17.97 -14.53
CA ASN B 199 25.11 -17.40 -15.77
C ASN B 199 24.61 -15.99 -16.08
N SER B 200 24.22 -15.25 -15.05
CA SER B 200 23.80 -13.86 -15.23
C SER B 200 24.98 -13.02 -15.72
N ALA B 201 24.75 -12.20 -16.75
CA ALA B 201 25.83 -11.40 -17.33
C ALA B 201 26.34 -10.33 -16.37
N TYR B 202 25.54 -9.97 -15.37
CA TYR B 202 25.91 -8.93 -14.42
C TYR B 202 27.22 -9.24 -13.69
N PHE B 203 27.46 -10.52 -13.40
CA PHE B 203 28.61 -10.91 -12.60
C PHE B 203 29.84 -11.26 -13.43
N GLU B 204 29.69 -11.26 -14.75
CA GLU B 204 30.78 -11.67 -15.63
C GLU B 204 32.04 -10.79 -15.55
N PRO B 205 31.88 -9.45 -15.51
CA PRO B 205 33.12 -8.67 -15.37
C PRO B 205 33.89 -8.97 -14.08
N ALA B 206 33.18 -9.18 -12.98
CA ALA B 206 33.82 -9.48 -11.70
C ALA B 206 34.55 -10.83 -11.76
N LEU B 207 33.90 -11.80 -12.40
CA LEU B 207 34.46 -13.14 -12.53
C LEU B 207 35.64 -13.15 -13.48
N THR B 208 35.58 -12.32 -14.51
CA THR B 208 36.69 -12.18 -15.44
C THR B 208 37.89 -11.57 -14.74
N ALA B 209 37.65 -10.51 -13.97
CA ALA B 209 38.71 -9.85 -13.22
C ALA B 209 39.39 -10.79 -12.22
N LEU B 210 38.61 -11.71 -11.65
CA LEU B 210 39.17 -12.70 -10.74
C LEU B 210 39.88 -13.81 -11.48
N GLY B 211 39.62 -13.93 -12.78
CA GLY B 211 40.15 -15.05 -13.55
C GLY B 211 39.54 -16.36 -13.09
N ALA B 212 38.23 -16.38 -12.94
CA ALA B 212 37.52 -17.61 -12.57
C ALA B 212 37.55 -18.59 -13.73
N ALA B 213 37.19 -19.84 -13.47
CA ALA B 213 37.25 -20.88 -14.49
C ALA B 213 36.29 -20.62 -15.66
N PRO B 214 36.72 -20.94 -16.89
CA PRO B 214 35.82 -20.78 -18.05
C PRO B 214 34.73 -21.84 -18.10
N ALA B 215 33.74 -21.71 -17.22
CA ALA B 215 32.61 -22.64 -17.17
C ALA B 215 31.37 -21.92 -16.70
N THR B 216 30.22 -22.60 -16.76
CA THR B 216 28.96 -22.02 -16.29
C THR B 216 28.89 -22.07 -14.77
N ASP B 217 27.94 -21.34 -14.20
CA ASP B 217 27.77 -21.35 -12.74
C ASP B 217 26.32 -21.60 -12.33
N ASP B 218 25.50 -22.09 -13.26
CA ASP B 218 24.15 -22.49 -12.90
C ASP B 218 24.23 -23.83 -12.16
N ILE B 219 23.30 -24.02 -11.23
CA ILE B 219 23.33 -25.19 -10.37
C ILE B 219 22.04 -26.00 -10.47
N PHE B 220 22.09 -27.22 -9.93
CA PHE B 220 21.01 -28.19 -10.07
C PHE B 220 19.87 -27.95 -9.09
N ALA B 221 20.22 -27.66 -7.84
CA ALA B 221 19.21 -27.55 -6.80
C ALA B 221 19.66 -26.61 -5.69
N VAL B 222 18.69 -26.05 -4.97
CA VAL B 222 18.95 -25.12 -3.89
C VAL B 222 18.40 -25.66 -2.57
N SER B 223 19.25 -25.70 -1.56
CA SER B 223 18.79 -25.91 -0.20
C SER B 223 19.08 -24.60 0.50
N ALA B 224 18.10 -24.03 1.17
CA ALA B 224 18.28 -22.76 1.86
C ALA B 224 17.55 -22.76 3.21
N TYR B 225 18.28 -22.46 4.27
CA TYR B 225 17.67 -22.34 5.58
C TYR B 225 17.57 -20.87 5.94
N CYS B 226 16.39 -20.45 6.37
CA CYS B 226 16.05 -19.05 6.68
C CYS B 226 16.81 -18.00 5.85
N PRO B 227 16.70 -18.06 4.50
CA PRO B 227 17.45 -17.12 3.65
C PRO B 227 17.15 -15.67 3.98
N ILE B 228 18.14 -14.94 4.49
CA ILE B 228 18.00 -13.52 4.76
C ILE B 228 18.24 -12.74 3.47
N HIS B 229 17.18 -12.59 2.68
CA HIS B 229 17.28 -12.02 1.35
C HIS B 229 16.13 -11.04 1.16
N ASN B 230 16.04 -10.46 -0.04
CA ASN B 230 15.02 -9.45 -0.33
C ASN B 230 15.17 -8.31 0.68
N LEU B 231 16.41 -7.90 0.88
CA LEU B 231 16.77 -6.93 1.92
C LEU B 231 16.07 -5.58 1.75
N GLU B 232 15.79 -5.22 0.50
CA GLU B 232 15.22 -3.90 0.24
C GLU B 232 13.73 -3.83 0.52
N HIS B 233 13.14 -4.96 0.89
CA HIS B 233 11.72 -5.00 1.29
C HIS B 233 11.54 -5.65 2.66
N ALA B 234 12.63 -6.11 3.25
CA ALA B 234 12.56 -6.79 4.54
C ALA B 234 12.09 -5.90 5.70
N ASP B 235 12.43 -4.60 5.65
CA ASP B 235 11.96 -3.68 6.70
C ASP B 235 10.43 -3.56 6.68
N MET B 236 9.87 -3.43 5.47
CA MET B 236 8.42 -3.37 5.29
CA MET B 236 8.43 -3.35 5.32
C MET B 236 7.76 -4.62 5.83
N ALA B 237 8.35 -5.77 5.51
CA ALA B 237 7.79 -7.05 5.92
C ALA B 237 7.88 -7.20 7.42
N TYR B 238 8.99 -6.76 7.98
CA TYR B 238 9.22 -6.92 9.41
C TYR B 238 8.22 -6.14 10.24
N GLU B 239 7.89 -4.92 9.81
CA GLU B 239 6.89 -4.13 10.53
C GLU B 239 5.46 -4.58 10.28
N TRP B 240 5.17 -5.07 9.08
CA TRP B 240 3.86 -5.67 8.82
C TRP B 240 3.59 -6.76 9.86
N GLN B 241 4.61 -7.56 10.14
CA GLN B 241 4.50 -8.65 11.09
C GLN B 241 4.55 -8.22 12.56
N PHE B 242 5.43 -7.28 12.90
CA PHE B 242 5.67 -6.96 14.31
C PHE B 242 5.20 -5.60 14.82
N ASN B 243 4.55 -4.80 13.97
CA ASN B 243 3.97 -3.55 14.45
C ASN B 243 2.93 -3.81 15.55
N GLY B 244 3.05 -3.08 16.66
CA GLY B 244 2.13 -3.23 17.76
C GLY B 244 2.76 -4.03 18.88
N ILE B 245 3.89 -4.68 18.57
CA ILE B 245 4.68 -5.39 19.57
C ILE B 245 5.93 -4.54 19.85
N ASN B 246 5.90 -3.81 20.97
CA ASN B 246 6.81 -2.69 21.16
C ASN B 246 8.10 -2.98 21.92
N ASP B 247 8.25 -4.20 22.42
CA ASP B 247 9.48 -4.60 23.08
C ASP B 247 10.24 -5.58 22.21
N TRP B 248 11.56 -5.40 22.13
CA TRP B 248 12.38 -6.32 21.35
C TRP B 248 13.29 -7.17 22.24
N HIS B 249 13.66 -8.35 21.74
CA HIS B 249 14.56 -9.25 22.46
C HIS B 249 15.55 -9.87 21.49
N ARG B 250 16.83 -9.61 21.69
CA ARG B 250 17.85 -10.15 20.79
C ARG B 250 19.18 -10.36 21.52
N TYR B 251 20.26 -10.42 20.76
CA TYR B 251 21.59 -10.67 21.34
C TYR B 251 22.59 -9.58 20.97
N GLN B 252 23.67 -9.50 21.73
CA GLN B 252 24.71 -8.50 21.47
C GLN B 252 26.07 -9.03 21.92
N PRO B 253 27.15 -8.55 21.26
CA PRO B 253 28.51 -9.00 21.57
C PRO B 253 29.00 -8.55 22.94
N VAL B 254 29.81 -9.39 23.58
CA VAL B 254 30.49 -9.03 24.82
C VAL B 254 31.91 -9.60 24.88
N ALA B 255 32.88 -8.72 25.10
CA ALA B 255 34.27 -9.05 25.50
C ALA B 255 34.76 -10.47 25.23
N GLY B 256 35.59 -10.62 24.20
CA GLY B 256 36.30 -11.88 23.98
C GLY B 256 35.46 -13.05 23.51
N THR B 257 36.07 -14.24 23.51
CA THR B 257 35.52 -15.39 22.82
C THR B 257 35.41 -16.66 23.69
N THR B 258 35.23 -17.80 23.03
CA THR B 258 34.93 -19.08 23.67
C THR B 258 36.17 -19.93 23.88
N LYS B 259 36.00 -21.24 23.69
CA LYS B 259 37.12 -22.14 23.46
C LYS B 259 37.29 -22.22 21.96
N ASN B 260 36.23 -22.67 21.29
CA ASN B 260 36.26 -22.85 19.84
C ASN B 260 36.18 -21.54 19.02
N GLY B 261 35.88 -20.43 19.68
CA GLY B 261 36.03 -19.12 19.06
C GLY B 261 34.89 -18.46 18.30
N ARG B 262 33.65 -18.59 18.78
CA ARG B 262 32.63 -17.64 18.36
C ARG B 262 32.65 -16.51 19.39
N PRO B 263 32.49 -15.25 18.94
CA PRO B 263 32.35 -14.13 19.88
C PRO B 263 31.36 -14.43 21.00
N LYS B 264 31.59 -13.87 22.18
CA LYS B 264 30.67 -14.07 23.29
C LYS B 264 29.43 -13.20 23.12
N PHE B 265 28.26 -13.72 23.50
CA PHE B 265 27.00 -13.03 23.26
C PHE B 265 26.04 -13.13 24.43
N GLU B 266 25.43 -12.00 24.78
CA GLU B 266 24.43 -11.96 25.83
C GLU B 266 23.07 -11.52 25.28
N PRO B 267 21.99 -12.05 25.85
CA PRO B 267 20.64 -11.57 25.51
C PRO B 267 20.47 -10.12 25.95
N VAL B 268 19.86 -9.32 25.07
CA VAL B 268 19.58 -7.93 25.41
C VAL B 268 18.14 -7.64 25.01
N SER B 269 17.44 -6.86 25.84
CA SER B 269 16.05 -6.52 25.60
C SER B 269 15.83 -5.04 25.77
N GLY B 270 14.82 -4.51 25.09
CA GLY B 270 14.51 -3.08 25.17
C GLY B 270 13.13 -2.74 24.65
N GLN B 271 12.83 -1.45 24.62
CA GLN B 271 11.53 -0.95 24.17
C GLN B 271 11.72 -0.06 22.95
N LEU B 272 10.86 -0.21 21.95
CA LEU B 272 10.89 0.65 20.79
C LEU B 272 10.68 2.10 21.21
N THR B 273 11.50 3.02 20.71
CA THR B 273 11.31 4.44 20.98
C THR B 273 10.10 4.96 20.25
N VAL B 274 9.70 6.19 20.57
CA VAL B 274 8.56 6.81 19.91
C VAL B 274 8.84 6.97 18.42
N GLU B 275 10.10 7.26 18.08
CA GLU B 275 10.50 7.43 16.70
C GLU B 275 10.42 6.09 15.96
N GLU B 276 10.82 5.01 16.64
CA GLU B 276 10.75 3.69 16.06
C GLU B 276 9.29 3.25 15.87
N GLN B 277 8.46 3.52 16.87
CA GLN B 277 7.06 3.15 16.78
C GLN B 277 6.39 3.95 15.67
N ALA B 278 6.81 5.20 15.52
CA ALA B 278 6.29 6.06 14.48
C ALA B 278 6.59 5.49 13.10
N LEU B 279 7.87 5.14 12.88
CA LEU B 279 8.29 4.65 11.58
C LEU B 279 7.72 3.27 11.27
N SER B 280 7.51 2.47 12.31
CA SER B 280 6.98 1.12 12.17
C SER B 280 5.63 1.11 11.45
N LEU B 281 4.78 2.05 11.84
CA LEU B 281 3.43 2.16 11.29
C LEU B 281 3.47 2.36 9.78
N ALA B 282 4.34 3.26 9.34
CA ALA B 282 4.46 3.55 7.91
C ALA B 282 5.03 2.36 7.16
N LEU B 283 6.06 1.74 7.74
CA LEU B 283 6.69 0.59 7.10
C LEU B 283 5.69 -0.53 6.89
N LYS B 284 4.89 -0.81 7.92
CA LYS B 284 3.83 -1.81 7.81
C LYS B 284 2.89 -1.48 6.65
N ALA B 285 2.39 -0.24 6.64
CA ALA B 285 1.48 0.19 5.58
C ALA B 285 2.08 0.00 4.19
N GLN B 286 3.35 0.36 4.02
CA GLN B 286 4.00 0.24 2.72
C GLN B 286 4.09 -1.19 2.22
N PHE B 287 4.14 -2.16 3.15
CA PHE B 287 4.25 -3.56 2.76
C PHE B 287 3.05 -4.03 1.93
N SER B 288 1.86 -3.52 2.23
CA SER B 288 0.66 -3.93 1.50
C SER B 288 0.80 -3.58 0.01
N THR B 289 1.31 -2.39 -0.26
CA THR B 289 1.50 -1.91 -1.63
C THR B 289 2.55 -2.73 -2.36
N TYR B 290 3.65 -3.03 -1.67
CA TYR B 290 4.69 -3.87 -2.24
C TYR B 290 4.15 -5.27 -2.53
N LEU B 291 3.45 -5.85 -1.55
CA LEU B 291 2.98 -7.22 -1.66
C LEU B 291 1.99 -7.36 -2.81
N ASN B 292 1.04 -6.43 -2.89
CA ASN B 292 -0.01 -6.50 -3.89
C ASN B 292 0.53 -6.40 -5.32
N GLN B 293 1.54 -5.56 -5.51
CA GLN B 293 2.12 -5.37 -6.85
C GLN B 293 2.99 -6.54 -7.30
N LEU B 294 3.29 -7.47 -6.39
CA LEU B 294 4.03 -8.66 -6.78
C LEU B 294 3.13 -9.59 -7.59
N LYS B 295 1.82 -9.41 -7.43
CA LYS B 295 0.83 -10.24 -8.12
C LYS B 295 1.06 -11.73 -7.85
N LEU B 296 1.30 -12.08 -6.60
CA LEU B 296 1.43 -13.48 -6.19
C LEU B 296 0.10 -14.18 -6.31
N THR B 297 0.12 -15.47 -6.66
CA THR B 297 -1.10 -16.26 -6.75
C THR B 297 -0.96 -17.55 -5.95
N ALA B 298 -2.04 -17.97 -5.30
CA ALA B 298 -2.04 -19.24 -4.56
C ALA B 298 -2.14 -20.41 -5.54
N SER B 299 -1.98 -21.62 -5.02
CA SER B 299 -2.06 -22.81 -5.87
C SER B 299 -3.47 -23.01 -6.40
N ASP B 300 -4.46 -22.76 -5.55
CA ASP B 300 -5.86 -22.97 -5.90
C ASP B 300 -6.45 -21.84 -6.77
N GLY B 301 -5.59 -20.94 -7.24
CA GLY B 301 -6.04 -19.85 -8.09
C GLY B 301 -6.02 -18.49 -7.44
N THR B 302 -6.12 -18.46 -6.12
CA THR B 302 -6.30 -17.22 -5.35
C THR B 302 -5.20 -16.19 -5.58
N HIS B 303 -5.58 -15.00 -6.05
CA HIS B 303 -4.68 -13.86 -6.11
C HIS B 303 -4.40 -13.37 -4.68
N LEU B 304 -3.13 -13.35 -4.27
CA LEU B 304 -2.78 -13.09 -2.87
C LEU B 304 -2.57 -11.61 -2.56
N THR B 305 -3.41 -11.05 -1.70
CA THR B 305 -3.37 -9.61 -1.45
C THR B 305 -3.42 -9.23 0.03
N LEU B 306 -3.27 -7.93 0.28
CA LEU B 306 -3.44 -7.36 1.61
C LEU B 306 -4.13 -6.01 1.46
N ASN B 307 -5.03 -5.68 2.38
CA ASN B 307 -5.64 -4.35 2.35
C ASN B 307 -4.78 -3.32 3.08
N GLU B 308 -5.34 -2.13 3.25
CA GLU B 308 -4.61 -1.01 3.83
C GLU B 308 -4.15 -1.28 5.25
N ALA B 309 -4.86 -2.16 5.94
CA ALA B 309 -4.57 -2.49 7.34
C ALA B 309 -3.67 -3.73 7.44
N GLY B 310 -3.30 -4.29 6.29
CA GLY B 310 -2.40 -5.42 6.25
C GLY B 310 -3.07 -6.77 6.44
N MET B 311 -4.40 -6.81 6.26
CA MET B 311 -5.19 -8.03 6.41
C MET B 311 -5.57 -8.56 5.03
N GLY B 312 -5.78 -9.87 4.91
CA GLY B 312 -6.22 -10.43 3.64
C GLY B 312 -5.66 -11.81 3.34
N SER B 313 -5.89 -12.28 2.12
CA SER B 313 -5.50 -13.65 1.74
C SER B 313 -4.02 -13.96 1.96
N PHE B 314 -3.15 -12.97 1.78
CA PHE B 314 -1.73 -13.25 1.97
C PHE B 314 -1.43 -13.56 3.44
N ARG B 315 -2.05 -12.79 4.33
CA ARG B 315 -1.92 -13.02 5.76
C ARG B 315 -2.49 -14.40 6.11
N ASP B 316 -3.60 -14.74 5.48
CA ASP B 316 -4.24 -16.05 5.67
C ASP B 316 -3.30 -17.18 5.26
N VAL B 317 -2.49 -16.93 4.23
CA VAL B 317 -1.49 -17.91 3.83
C VAL B 317 -0.40 -18.10 4.88
N VAL B 318 0.09 -16.99 5.43
CA VAL B 318 1.08 -17.04 6.50
C VAL B 318 0.53 -17.83 7.70
N ARG B 319 -0.68 -17.51 8.11
CA ARG B 319 -1.34 -18.25 9.19
C ARG B 319 -1.49 -19.73 8.88
N GLN B 320 -1.91 -20.06 7.66
CA GLN B 320 -2.12 -21.46 7.29
C GLN B 320 -0.82 -22.29 7.33
N LEU B 321 0.29 -21.70 6.91
CA LEU B 321 1.58 -22.39 6.95
C LEU B 321 2.00 -22.67 8.39
N LEU B 322 1.73 -21.72 9.29
CA LEU B 322 2.02 -21.91 10.70
C LEU B 322 1.09 -22.96 11.33
N ILE B 323 -0.16 -23.00 10.88
CA ILE B 323 -1.09 -24.02 11.35
C ILE B 323 -0.64 -25.42 10.92
N SER B 324 -0.23 -25.53 9.65
CA SER B 324 0.26 -26.79 9.11
C SER B 324 1.48 -27.26 9.90
N SER B 325 2.30 -26.29 10.29
CA SER B 325 3.51 -26.54 11.07
C SER B 325 3.15 -27.07 12.45
N ALA B 326 2.16 -26.46 13.09
CA ALA B 326 1.73 -26.93 14.39
C ALA B 326 1.12 -28.33 14.30
N GLN B 327 0.32 -28.56 13.26
CA GLN B 327 -0.36 -29.85 13.10
C GLN B 327 0.64 -30.99 12.98
N THR B 328 1.70 -30.77 12.21
CA THR B 328 2.74 -31.76 11.99
C THR B 328 3.39 -32.11 13.32
N ALA B 329 3.69 -31.07 14.11
CA ALA B 329 4.27 -31.25 15.43
C ALA B 329 3.27 -31.87 16.40
N PHE B 330 2.01 -31.47 16.29
CA PHE B 330 0.94 -32.03 17.12
C PHE B 330 0.81 -33.53 16.89
N ASP B 331 0.94 -33.94 15.63
CA ASP B 331 0.83 -35.35 15.28
C ASP B 331 2.09 -36.14 15.65
N GLN B 332 3.12 -35.42 16.11
CA GLN B 332 4.32 -36.05 16.64
C GLN B 332 4.25 -36.05 18.17
N GLY B 333 3.09 -35.68 18.71
CA GLY B 333 2.86 -35.68 20.14
C GLY B 333 3.34 -34.43 20.86
N THR B 334 3.68 -33.38 20.12
CA THR B 334 4.13 -32.13 20.72
C THR B 334 2.94 -31.31 21.21
N ASP B 335 3.04 -30.79 22.43
CA ASP B 335 2.05 -29.84 22.92
C ASP B 335 2.33 -28.49 22.27
N ILE B 336 1.54 -28.17 21.25
CA ILE B 336 1.77 -26.96 20.47
C ILE B 336 1.38 -25.69 21.22
N HIS B 337 0.70 -25.85 22.35
CA HIS B 337 0.27 -24.72 23.17
C HIS B 337 1.42 -24.08 23.94
N LYS B 338 2.65 -24.52 23.68
CA LYS B 338 3.83 -23.89 24.24
C LYS B 338 3.91 -22.44 23.75
N TYR B 339 3.38 -22.20 22.55
CA TYR B 339 3.18 -20.84 22.05
C TYR B 339 1.70 -20.46 22.12
N ALA B 340 1.41 -19.18 22.30
CA ALA B 340 0.04 -18.70 22.39
C ALA B 340 -0.61 -18.67 21.00
N GLY B 341 -1.93 -18.55 20.95
CA GLY B 341 -2.64 -18.32 19.71
C GLY B 341 -3.33 -19.49 19.03
N PHE B 342 -2.86 -20.71 19.25
CA PHE B 342 -3.42 -21.86 18.53
C PHE B 342 -4.77 -22.34 19.07
N VAL B 343 -5.65 -22.72 18.15
CA VAL B 343 -6.93 -23.31 18.52
C VAL B 343 -6.88 -24.76 18.08
N VAL B 344 -7.00 -25.67 19.05
CA VAL B 344 -7.03 -27.09 18.76
C VAL B 344 -8.43 -27.59 19.03
N THR B 345 -8.98 -28.33 18.06
CA THR B 345 -10.30 -28.93 18.24
C THR B 345 -10.16 -30.43 18.03
N GLY B 346 -10.38 -31.20 19.09
CA GLY B 346 -10.14 -32.63 19.05
C GLY B 346 -8.68 -32.92 18.72
N ASN B 347 -8.45 -33.51 17.55
CA ASN B 347 -7.09 -33.87 17.12
C ASN B 347 -6.53 -32.94 16.05
N GLN B 348 -7.20 -31.81 15.84
CA GLN B 348 -6.85 -30.93 14.73
C GLN B 348 -6.53 -29.53 15.22
N VAL B 349 -5.48 -28.93 14.68
CA VAL B 349 -5.22 -27.52 14.87
C VAL B 349 -6.11 -26.77 13.89
N THR B 350 -7.20 -26.22 14.38
CA THR B 350 -8.24 -25.71 13.48
C THR B 350 -8.07 -24.24 13.11
N ASP B 351 -7.31 -23.51 13.91
CA ASP B 351 -7.17 -22.07 13.67
C ASP B 351 -5.99 -21.50 14.44
N LEU B 352 -5.73 -20.21 14.22
CA LEU B 352 -4.61 -19.56 14.87
C LEU B 352 -4.84 -18.06 14.99
N ASP B 353 -4.77 -17.56 16.22
CA ASP B 353 -4.69 -16.11 16.43
C ASP B 353 -3.26 -15.69 16.12
N LEU B 354 -3.05 -15.17 14.92
CA LEU B 354 -1.69 -14.88 14.45
C LEU B 354 -1.02 -13.78 15.28
N SER B 355 -1.78 -12.77 15.69
CA SER B 355 -1.24 -11.70 16.51
C SER B 355 -0.80 -12.19 17.88
N ALA B 356 -1.58 -13.09 18.46
CA ALA B 356 -1.21 -13.71 19.74
C ALA B 356 0.06 -14.54 19.62
N TYR B 357 0.18 -15.32 18.56
CA TYR B 357 1.37 -16.12 18.31
C TYR B 357 2.62 -15.25 18.15
N LEU B 358 2.47 -14.15 17.42
CA LEU B 358 3.61 -13.26 17.16
C LEU B 358 4.04 -12.53 18.43
N LYS B 359 3.06 -12.20 19.27
CA LYS B 359 3.34 -11.59 20.57
C LYS B 359 4.08 -12.61 21.42
N SER B 360 3.73 -13.88 21.23
CA SER B 360 4.33 -14.98 21.98
C SER B 360 5.77 -15.23 21.54
N LEU B 361 6.03 -15.07 20.25
CA LEU B 361 7.38 -15.19 19.70
C LEU B 361 8.30 -14.07 20.16
N THR B 362 7.72 -12.89 20.37
CA THR B 362 8.44 -11.62 20.62
C THR B 362 9.17 -11.10 19.40
N ARG B 363 9.19 -9.77 19.28
CA ARG B 363 9.96 -9.09 18.26
C ARG B 363 11.44 -9.25 18.57
N MET B 364 12.26 -9.38 17.53
CA MET B 364 13.70 -9.45 17.72
C MET B 364 14.39 -8.13 17.36
N LYS B 365 14.12 -7.64 16.16
CA LYS B 365 14.84 -6.47 15.65
C LYS B 365 14.09 -5.16 15.86
N ALA B 366 14.83 -4.06 15.89
CA ALA B 366 14.24 -2.75 16.08
C ALA B 366 13.78 -2.19 14.73
N VAL B 367 13.60 -0.87 14.66
CA VAL B 367 13.00 -0.25 13.47
C VAL B 367 13.86 0.90 12.95
N PRO B 368 14.31 0.82 11.69
CA PRO B 368 14.12 -0.31 10.77
C PRO B 368 14.94 -1.53 11.18
N ALA B 369 14.51 -2.72 10.74
CA ALA B 369 15.15 -3.96 11.13
C ALA B 369 16.46 -4.18 10.37
N PHE B 370 16.51 -3.71 9.13
CA PHE B 370 17.65 -3.99 8.26
C PHE B 370 18.38 -2.73 7.79
N ASP B 371 17.66 -1.79 7.19
CA ASP B 371 18.28 -0.57 6.73
C ASP B 371 18.21 0.51 7.80
N GLN B 372 19.11 0.42 8.78
CA GLN B 372 19.16 1.39 9.87
C GLN B 372 19.43 2.82 9.40
N LEU B 373 18.75 3.77 10.04
CA LEU B 373 18.86 5.17 9.64
C LEU B 373 20.27 5.71 9.86
N ASP B 374 21.01 5.10 10.78
CA ASP B 374 22.36 5.55 11.06
C ASP B 374 23.42 4.61 10.48
N LEU B 375 23.00 3.79 9.51
CA LEU B 375 23.91 2.91 8.78
C LEU B 375 24.66 1.91 9.65
N THR B 376 24.06 1.49 10.76
CA THR B 376 24.78 0.62 11.71
C THR B 376 24.55 -0.88 11.56
N SER B 377 23.71 -1.30 10.62
CA SER B 377 23.40 -2.73 10.52
C SER B 377 24.41 -3.50 9.65
N PRO B 378 24.43 -4.84 9.78
CA PRO B 378 25.28 -5.67 8.91
C PRO B 378 24.96 -5.49 7.42
N GLU B 379 23.67 -5.37 7.10
CA GLU B 379 23.24 -5.16 5.73
C GLU B 379 23.65 -3.77 5.22
N ASN B 380 23.75 -2.79 6.12
CA ASN B 380 24.29 -1.49 5.74
C ASN B 380 25.74 -1.62 5.31
N ASN B 381 26.49 -2.39 6.09
CA ASN B 381 27.90 -2.64 5.82
C ASN B 381 28.06 -3.50 4.56
N LEU B 382 27.16 -4.46 4.38
CA LEU B 382 27.16 -5.29 3.18
C LEU B 382 27.12 -4.44 1.91
N PHE B 383 26.24 -3.44 1.88
CA PHE B 383 26.05 -2.58 0.70
C PHE B 383 27.01 -1.42 0.58
N GLY B 384 27.98 -1.33 1.48
CA GLY B 384 29.06 -0.37 1.31
C GLY B 384 30.01 -0.81 0.21
N ASP B 385 31.08 -0.05 -0.02
CA ASP B 385 32.12 -0.47 -0.95
C ASP B 385 33.48 -0.04 -0.42
N ALA B 386 34.50 -0.09 -1.28
CA ALA B 386 35.85 0.29 -0.88
C ALA B 386 35.94 1.71 -0.33
N THR B 387 35.01 2.58 -0.72
CA THR B 387 35.03 3.97 -0.26
C THR B 387 34.09 4.26 0.93
N ALA B 388 32.89 3.70 0.90
CA ALA B 388 31.95 3.90 1.99
C ALA B 388 31.73 2.60 2.73
N LYS B 389 31.95 2.62 4.04
CA LYS B 389 31.81 1.41 4.84
C LYS B 389 30.36 0.90 4.86
N ALA B 390 29.41 1.82 4.72
CA ALA B 390 28.00 1.45 4.78
C ALA B 390 27.11 2.36 3.89
N LYS B 391 26.08 1.79 3.30
CA LYS B 391 25.14 2.55 2.50
C LYS B 391 23.70 2.16 2.84
N HIS B 392 22.75 3.00 2.46
CA HIS B 392 21.34 2.65 2.56
C HIS B 392 20.98 1.82 1.32
N PHE B 393 19.86 1.12 1.38
CA PHE B 393 19.45 0.28 0.26
C PHE B 393 17.94 0.31 0.09
N THR B 394 17.31 1.29 0.73
CA THR B 394 15.88 1.53 0.58
C THR B 394 15.62 3.03 0.46
N ALA B 395 14.60 3.39 -0.30
CA ALA B 395 14.22 4.79 -0.45
C ALA B 395 13.87 5.44 0.90
N LEU B 396 13.14 4.72 1.75
CA LEU B 396 12.70 5.29 3.02
C LEU B 396 13.87 5.61 3.96
N ALA B 397 14.80 4.67 4.15
CA ALA B 397 15.91 4.93 5.05
C ALA B 397 16.84 6.01 4.51
N GLN B 398 16.96 6.10 3.19
CA GLN B 398 17.74 7.19 2.61
C GLN B 398 17.09 8.56 2.88
N THR B 399 15.79 8.66 2.67
CA THR B 399 15.07 9.91 2.91
CA THR B 399 15.10 9.91 2.92
C THR B 399 15.13 10.29 4.39
N ARG B 400 14.97 9.31 5.26
CA ARG B 400 14.92 9.56 6.69
C ARG B 400 16.23 9.26 7.40
N SER B 401 17.31 9.18 6.64
CA SER B 401 18.63 8.88 7.21
C SER B 401 18.97 9.86 8.32
N THR B 402 19.59 9.36 9.39
CA THR B 402 20.01 10.22 10.50
C THR B 402 21.47 10.58 10.35
N VAL B 403 22.15 9.96 9.40
CA VAL B 403 23.53 10.30 9.08
C VAL B 403 23.66 10.61 7.61
N THR B 404 24.69 11.38 7.25
CA THR B 404 24.97 11.66 5.85
C THR B 404 25.27 10.34 5.16
N ALA B 405 24.60 10.06 4.06
CA ALA B 405 24.68 8.72 3.49
C ALA B 405 24.35 8.65 2.02
N GLN B 406 24.71 7.54 1.41
CA GLN B 406 24.47 7.31 0.01
C GLN B 406 23.64 6.03 -0.17
N LEU B 407 22.79 6.04 -1.17
CA LEU B 407 22.00 4.86 -1.51
C LEU B 407 22.85 3.97 -2.43
N ALA B 408 22.90 2.67 -2.12
CA ALA B 408 23.59 1.72 -2.98
C ALA B 408 22.96 1.67 -4.35
N ASP B 409 23.75 1.30 -5.37
CA ASP B 409 23.26 1.29 -6.74
C ASP B 409 22.08 0.35 -6.89
N ALA B 410 21.05 0.82 -7.59
CA ALA B 410 19.81 0.07 -7.77
C ALA B 410 20.05 -1.28 -8.46
N GLU B 411 21.05 -1.32 -9.33
CA GLU B 411 21.34 -2.55 -10.05
C GLU B 411 22.03 -3.58 -9.16
N LEU B 412 22.80 -3.11 -8.18
CA LEU B 412 23.47 -3.99 -7.24
C LEU B 412 22.47 -4.58 -6.24
N ILE B 413 21.54 -3.74 -5.78
CA ILE B 413 20.48 -4.22 -4.89
C ILE B 413 19.66 -5.29 -5.62
N GLN B 414 19.29 -4.99 -6.85
CA GLN B 414 18.55 -5.94 -7.67
C GLN B 414 19.34 -7.23 -7.91
N ALA B 415 20.63 -7.08 -8.22
CA ALA B 415 21.48 -8.22 -8.56
C ALA B 415 21.62 -9.27 -7.47
N ILE B 416 21.68 -8.85 -6.20
CA ILE B 416 21.87 -9.81 -5.12
C ILE B 416 20.57 -10.29 -4.48
N ASN B 417 19.44 -9.88 -5.05
CA ASN B 417 18.14 -10.38 -4.60
C ASN B 417 17.66 -11.50 -5.52
N PRO B 418 17.49 -12.72 -4.98
CA PRO B 418 17.04 -13.87 -5.77
C PRO B 418 15.72 -13.62 -6.51
N LEU B 419 14.82 -12.81 -5.94
CA LEU B 419 13.53 -12.53 -6.56
C LEU B 419 13.68 -11.86 -7.94
N SER B 420 14.73 -11.05 -8.10
CA SER B 420 14.93 -10.30 -9.33
C SER B 420 14.96 -11.19 -10.58
N TYR B 421 15.41 -12.43 -10.39
CA TYR B 421 15.65 -13.30 -11.54
C TYR B 421 14.44 -14.13 -11.89
N LEU B 422 13.47 -14.17 -10.98
CA LEU B 422 12.31 -15.03 -11.15
C LEU B 422 11.27 -14.37 -12.05
N THR B 423 11.28 -13.04 -12.11
CA THR B 423 10.32 -12.31 -12.93
C THR B 423 10.88 -11.95 -14.29
N THR B 424 12.18 -12.20 -14.48
CA THR B 424 12.82 -11.97 -15.76
C THR B 424 13.34 -13.29 -16.34
N THR B 425 13.84 -13.23 -17.57
CA THR B 425 14.53 -14.38 -18.14
C THR B 425 15.96 -13.96 -18.44
N SER B 426 16.70 -13.65 -17.40
CA SER B 426 18.05 -13.13 -17.53
C SER B 426 19.10 -14.09 -16.98
N SER B 427 18.67 -15.27 -16.56
CA SER B 427 19.57 -16.24 -15.95
C SER B 427 19.07 -17.66 -16.12
N GLN B 428 19.90 -18.63 -15.76
CA GLN B 428 19.47 -20.02 -15.70
C GLN B 428 19.11 -20.36 -14.26
N VAL B 429 17.81 -20.45 -13.98
CA VAL B 429 17.34 -20.66 -12.61
C VAL B 429 17.31 -22.15 -12.31
N ALA B 430 17.81 -22.54 -11.14
CA ALA B 430 17.73 -23.93 -10.70
C ALA B 430 16.27 -24.40 -10.69
N LYS B 431 16.05 -25.65 -11.08
CA LYS B 431 14.68 -26.14 -11.21
C LYS B 431 14.15 -26.77 -9.92
N HIS B 432 15.03 -26.99 -8.95
CA HIS B 432 14.64 -27.64 -7.70
C HIS B 432 15.04 -26.80 -6.48
N TRP B 433 14.08 -26.57 -5.59
CA TRP B 433 14.29 -25.70 -4.45
C TRP B 433 13.73 -26.33 -3.19
N ARG B 434 14.49 -26.24 -2.10
CA ARG B 434 14.01 -26.66 -0.79
C ARG B 434 14.35 -25.55 0.22
N ILE B 435 13.30 -24.92 0.75
CA ILE B 435 13.46 -23.79 1.64
C ILE B 435 12.79 -24.08 2.98
N ARG B 436 13.45 -23.70 4.06
CA ARG B 436 12.93 -23.86 5.40
C ARG B 436 13.21 -22.59 6.16
N HIS B 437 12.21 -22.14 6.92
CA HIS B 437 12.41 -21.04 7.86
C HIS B 437 11.70 -21.42 9.14
N GLY B 438 12.44 -21.51 10.25
CA GLY B 438 11.86 -22.00 11.49
C GLY B 438 10.67 -21.18 11.96
N ALA B 439 9.67 -21.86 12.51
CA ALA B 439 8.46 -21.19 12.98
C ALA B 439 8.72 -20.30 14.20
N ALA B 440 9.89 -20.45 14.81
CA ALA B 440 10.30 -19.59 15.92
C ALA B 440 11.44 -18.64 15.53
N ASP B 441 11.70 -18.55 14.23
CA ASP B 441 12.77 -17.68 13.73
C ASP B 441 12.20 -16.27 13.45
N ARG B 442 12.64 -15.30 14.25
CA ARG B 442 12.17 -13.92 14.12
C ARG B 442 13.21 -13.00 13.49
N ASP B 443 14.25 -13.56 12.87
CA ASP B 443 15.31 -12.75 12.29
C ASP B 443 14.85 -11.99 11.04
N THR B 444 13.86 -12.54 10.37
CA THR B 444 13.19 -11.84 9.29
C THR B 444 11.73 -12.28 9.30
N SER B 445 10.85 -11.49 8.69
CA SER B 445 9.43 -11.82 8.69
C SER B 445 9.20 -13.12 7.93
N PHE B 446 8.19 -13.89 8.37
CA PHE B 446 7.83 -15.12 7.67
C PHE B 446 7.46 -14.81 6.22
N ALA B 447 6.96 -13.60 5.98
CA ALA B 447 6.56 -13.20 4.63
C ALA B 447 7.72 -13.33 3.63
N ILE B 448 8.93 -13.01 4.08
CA ILE B 448 10.11 -13.04 3.21
C ILE B 448 10.39 -14.41 2.55
N PRO B 449 10.56 -15.49 3.35
CA PRO B 449 10.70 -16.80 2.68
C PRO B 449 9.43 -17.24 1.96
N ILE B 450 8.26 -16.81 2.44
CA ILE B 450 6.99 -17.21 1.84
C ILE B 450 6.85 -16.58 0.44
N ILE B 451 7.17 -15.30 0.34
CA ILE B 451 7.22 -14.60 -0.95
C ILE B 451 8.14 -15.32 -1.94
N LEU B 452 9.32 -15.74 -1.47
CA LEU B 452 10.24 -16.48 -2.32
C LEU B 452 9.63 -17.81 -2.78
N ALA B 453 9.02 -18.53 -1.84
CA ALA B 453 8.45 -19.84 -2.14
C ALA B 453 7.33 -19.74 -3.17
N ILE B 454 6.46 -18.75 -2.98
CA ILE B 454 5.34 -18.54 -3.89
C ILE B 454 5.77 -18.07 -5.28
N MET B 455 6.76 -17.17 -5.32
CA MET B 455 7.26 -16.68 -6.60
CA MET B 455 7.27 -16.68 -6.61
C MET B 455 7.93 -17.79 -7.42
N LEU B 456 8.58 -18.71 -6.73
CA LEU B 456 9.21 -19.85 -7.39
C LEU B 456 8.13 -20.72 -8.01
N GLU B 457 7.06 -20.96 -7.25
CA GLU B 457 5.95 -21.75 -7.73
C GLU B 457 5.24 -21.06 -8.89
N ASN B 458 4.97 -19.77 -8.74
CA ASN B 458 4.26 -19.01 -9.77
C ASN B 458 5.01 -19.00 -11.11
N HIS B 459 6.34 -19.12 -11.05
CA HIS B 459 7.14 -19.11 -12.26
C HIS B 459 7.64 -20.49 -12.65
N GLY B 460 7.00 -21.52 -12.11
CA GLY B 460 7.21 -22.88 -12.58
C GLY B 460 8.47 -23.58 -12.12
N TYR B 461 9.03 -23.17 -10.98
CA TYR B 461 10.16 -23.91 -10.42
C TYR B 461 9.69 -24.82 -9.29
N GLY B 462 10.33 -25.98 -9.16
CA GLY B 462 9.95 -26.94 -8.13
C GLY B 462 10.35 -26.40 -6.77
N ILE B 463 9.43 -26.44 -5.81
CA ILE B 463 9.68 -25.82 -4.52
C ILE B 463 9.09 -26.63 -3.37
N ASP B 464 9.96 -27.05 -2.45
CA ASP B 464 9.56 -27.75 -1.25
C ASP B 464 9.74 -26.75 -0.11
N PHE B 465 8.63 -26.33 0.50
CA PHE B 465 8.67 -25.26 1.50
C PHE B 465 7.95 -25.65 2.80
N ALA B 466 8.50 -25.21 3.93
CA ALA B 466 7.83 -25.37 5.22
C ALA B 466 8.39 -24.41 6.25
N LEU B 467 7.61 -24.17 7.31
CA LEU B 467 8.10 -23.44 8.47
C LEU B 467 8.13 -24.41 9.66
N PRO B 468 9.22 -25.18 9.80
CA PRO B 468 9.28 -26.26 10.79
C PRO B 468 8.99 -25.76 12.21
N TRP B 469 8.14 -26.49 12.93
CA TRP B 469 7.69 -26.09 14.26
C TRP B 469 8.81 -25.88 15.28
N ASP B 470 8.72 -24.79 16.04
CA ASP B 470 9.60 -24.50 17.17
C ASP B 470 11.09 -24.47 16.80
N ILE B 471 11.39 -24.19 15.54
CA ILE B 471 12.76 -24.11 15.08
C ILE B 471 13.24 -22.65 15.10
N PRO B 472 14.35 -22.39 15.80
CA PRO B 472 14.86 -21.02 15.92
C PRO B 472 15.71 -20.63 14.71
N HIS B 473 16.40 -19.51 14.79
CA HIS B 473 17.29 -19.08 13.72
C HIS B 473 18.46 -20.05 13.58
N SER B 474 18.35 -20.99 12.64
CA SER B 474 19.29 -22.08 12.48
C SER B 474 19.12 -22.79 11.14
N GLY B 475 19.92 -23.83 10.93
CA GLY B 475 19.86 -24.61 9.70
C GLY B 475 20.42 -26.01 9.91
N ASP B 476 20.30 -26.85 8.88
CA ASP B 476 20.84 -28.21 8.90
C ASP B 476 20.31 -29.07 10.04
N TYR B 477 19.07 -28.84 10.45
CA TYR B 477 18.48 -29.57 11.58
C TYR B 477 17.61 -30.73 11.11
N ASP B 478 17.49 -30.91 9.80
CA ASP B 478 16.59 -31.93 9.26
C ASP B 478 17.27 -32.70 8.15
N LEU B 479 18.52 -33.13 8.37
CA LEU B 479 19.33 -33.72 7.32
C LEU B 479 18.70 -34.98 6.75
N GLY B 480 17.98 -35.73 7.57
CA GLY B 480 17.30 -36.92 7.12
C GLY B 480 16.32 -36.61 6.00
N ASP B 481 15.56 -35.52 6.18
CA ASP B 481 14.60 -35.07 5.19
C ASP B 481 15.29 -34.34 4.03
N LEU B 482 16.35 -33.60 4.34
CA LEU B 482 17.10 -32.91 3.30
C LEU B 482 17.76 -33.90 2.33
N PHE B 483 18.35 -34.96 2.87
CA PHE B 483 19.05 -35.93 2.04
C PHE B 483 18.06 -36.80 1.28
N SER B 484 16.88 -37.02 1.85
CA SER B 484 15.83 -37.76 1.16
CA SER B 484 15.84 -37.76 1.18
C SER B 484 15.40 -36.99 -0.07
N TRP B 485 15.22 -35.68 0.10
CA TRP B 485 14.84 -34.80 -1.02
C TRP B 485 15.90 -34.84 -2.13
N ILE B 486 17.16 -34.67 -1.76
CA ILE B 486 18.27 -34.74 -2.70
C ILE B 486 18.31 -36.08 -3.47
N ASP B 487 18.20 -37.18 -2.74
CA ASP B 487 18.21 -38.50 -3.36
C ASP B 487 17.07 -38.67 -4.36
N GLY B 488 15.91 -38.13 -4.03
CA GLY B 488 14.74 -38.19 -4.91
C GLY B 488 14.96 -37.44 -6.20
N LEU B 489 15.80 -36.40 -6.15
CA LEU B 489 16.15 -35.63 -7.33
C LEU B 489 17.25 -36.30 -8.16
N CYS B 490 18.18 -36.97 -7.48
CA CYS B 490 19.40 -37.44 -8.14
C CYS B 490 19.36 -38.91 -8.53
N GLN B 491 18.70 -39.73 -7.73
CA GLN B 491 18.61 -41.16 -8.02
C GLN B 491 17.45 -41.39 -8.96
#